data_6DFM
#
_entry.id   6DFM
#
_cell.length_a   55.662
_cell.length_b   74.775
_cell.length_c   89.485
_cell.angle_alpha   90.000
_cell.angle_beta   99.480
_cell.angle_gamma   90.000
#
_symmetry.space_group_name_H-M   'P 1 21 1'
#
loop_
_entity.id
_entity.type
_entity.pdbx_description
1 polymer 'Endoplasmic reticulum chaperone BiP'
2 non-polymer (2R,3R,4S,5R)-2-(6,8-diaminopurin-9-yl)-5-(hydroxymethyl)oxolane-3,4-diol
3 water water
#
_entity_poly.entity_id   1
_entity_poly.type   'polypeptide(L)'
_entity_poly.pdbx_seq_one_letter_code
;DVGTVVGIDLGTTYSCVGVFKNGRVEIIANDQGNRITPSYVAFTPEGERLIGDAAKNQLTSNPENTVFDAKRLIGRTWND
PSVQQDIKFLPFKVVEKKTKPYIQVDIGGGQTKTFAPEEISAMVLTKMKETAEAYLGKKVTHAVVTVPAYFNDAQRQATK
DAGTIAGLNVMRIINEPTAAAIAYGLDKREGEKNILVFDLGGGTFDVSLLTIDNGVFEVVATNGDTHLGGEDFDQRVMEH
FIKLYKKKTGKDVRKDNRAVQKLRREVEKAKRALSSQHQARIEIESFYEGEDFSETLTRAKFEELNMDLFRSTMKPVQKV
LEDSDLKKSDIDEIVLVGGSTRIPKIQQLVKEFFNGKEPSRGINPDEAVAYGAAVQAGVLSG
;
_entity_poly.pdbx_strand_id   A,B
#
loop_
_chem_comp.id
_chem_comp.type
_chem_comp.name
_chem_comp.formula
3BH non-polymer (2R,3R,4S,5R)-2-(6,8-diaminopurin-9-yl)-5-(hydroxymethyl)oxolane-3,4-diol 'C10 H14 N6 O4'
#
# COMPACT_ATOMS: atom_id res chain seq x y z
N ASP A 1 -10.05 -15.66 -51.08
CA ASP A 1 -10.50 -14.27 -51.13
C ASP A 1 -10.80 -13.75 -49.73
N VAL A 2 -9.99 -12.79 -49.29
CA VAL A 2 -10.08 -12.17 -47.98
C VAL A 2 -11.01 -10.95 -47.99
N GLY A 3 -11.32 -10.42 -49.18
CA GLY A 3 -12.16 -9.25 -49.38
C GLY A 3 -11.50 -8.01 -48.82
N THR A 4 -12.28 -7.10 -48.25
CA THR A 4 -11.73 -5.92 -47.59
C THR A 4 -11.50 -6.31 -46.15
N VAL A 5 -10.23 -6.44 -45.78
CA VAL A 5 -9.83 -6.80 -44.43
C VAL A 5 -9.99 -5.55 -43.55
N VAL A 6 -10.58 -5.71 -42.37
CA VAL A 6 -10.75 -4.57 -41.45
C VAL A 6 -9.66 -4.56 -40.37
N GLY A 7 -9.37 -3.38 -39.85
CA GLY A 7 -8.41 -3.24 -38.75
C GLY A 7 -9.20 -2.94 -37.48
N ILE A 8 -9.13 -3.81 -36.49
CA ILE A 8 -9.91 -3.59 -35.24
C ILE A 8 -9.04 -3.46 -33.99
N ASP A 9 -9.20 -2.32 -33.30
CA ASP A 9 -8.62 -2.14 -31.98
C ASP A 9 -9.74 -2.58 -31.04
N LEU A 10 -9.56 -3.72 -30.36
CA LEU A 10 -10.56 -4.25 -29.43
C LEU A 10 -10.06 -3.90 -28.02
N GLY A 11 -10.50 -2.74 -27.55
CA GLY A 11 -10.05 -2.18 -26.29
C GLY A 11 -10.84 -2.61 -25.08
N THR A 12 -10.27 -2.35 -23.90
CA THR A 12 -10.91 -2.68 -22.64
C THR A 12 -12.23 -1.93 -22.50
N THR A 13 -12.20 -0.60 -22.76
CA THR A 13 -13.35 0.27 -22.58
C THR A 13 -14.00 0.68 -23.92
N TYR A 14 -13.16 0.92 -24.97
CA TYR A 14 -13.59 1.34 -26.31
C TYR A 14 -12.90 0.56 -27.39
N SER A 15 -13.60 0.38 -28.50
CA SER A 15 -13.11 -0.30 -29.68
C SER A 15 -13.21 0.65 -30.87
N CYS A 16 -12.35 0.42 -31.85
CA CYS A 16 -12.23 1.25 -33.01
C CYS A 16 -12.02 0.37 -34.24
N VAL A 17 -12.60 0.78 -35.39
CA VAL A 17 -12.46 -0.01 -36.61
C VAL A 17 -12.08 0.91 -37.78
N GLY A 18 -11.10 0.47 -38.55
CA GLY A 18 -10.62 1.19 -39.73
C GLY A 18 -10.51 0.28 -40.93
N VAL A 19 -10.50 0.88 -42.12
CA VAL A 19 -10.31 0.16 -43.39
C VAL A 19 -9.34 0.97 -44.27
N PHE A 20 -8.70 0.31 -45.21
CA PHE A 20 -7.86 1.03 -46.17
C PHE A 20 -8.69 1.11 -47.43
N LYS A 21 -9.09 2.33 -47.80
CA LYS A 21 -9.94 2.56 -48.96
C LYS A 21 -9.45 3.76 -49.73
N ASN A 22 -9.46 3.66 -51.07
CA ASN A 22 -9.01 4.69 -52.03
C ASN A 22 -7.68 5.34 -51.62
N GLY A 23 -6.70 4.49 -51.30
CA GLY A 23 -5.36 4.88 -50.96
C GLY A 23 -5.09 5.43 -49.57
N ARG A 24 -6.06 5.30 -48.63
CA ARG A 24 -5.83 5.82 -47.28
C ARG A 24 -6.62 5.05 -46.25
N VAL A 25 -6.24 5.23 -44.97
CA VAL A 25 -6.97 4.65 -43.86
C VAL A 25 -8.22 5.50 -43.59
N GLU A 26 -9.35 4.83 -43.48
CA GLU A 26 -10.63 5.39 -43.10
C GLU A 26 -11.03 4.80 -41.76
N ILE A 27 -11.18 5.64 -40.72
CA ILE A 27 -11.72 5.22 -39.42
C ILE A 27 -13.23 5.36 -39.55
N ILE A 28 -13.96 4.26 -39.30
CA ILE A 28 -15.40 4.22 -39.52
C ILE A 28 -16.25 4.58 -38.31
N ALA A 29 -17.20 5.52 -38.49
CA ALA A 29 -18.12 5.89 -37.43
C ALA A 29 -19.22 4.85 -37.34
N ASN A 30 -19.70 4.57 -36.11
CA ASN A 30 -20.77 3.61 -35.88
C ASN A 30 -22.15 4.25 -36.21
N ASP A 31 -23.25 3.54 -35.90
CA ASP A 31 -24.60 4.01 -36.16
C ASP A 31 -24.99 5.25 -35.31
N GLN A 32 -24.21 5.56 -34.27
CA GLN A 32 -24.43 6.71 -33.40
C GLN A 32 -23.58 7.92 -33.77
N GLY A 33 -22.80 7.78 -34.85
CA GLY A 33 -21.94 8.82 -35.38
C GLY A 33 -20.60 8.91 -34.67
N ASN A 34 -20.24 7.84 -33.91
CA ASN A 34 -18.99 7.81 -33.14
C ASN A 34 -17.90 6.99 -33.78
N ARG A 35 -16.67 7.54 -33.78
CA ARG A 35 -15.50 6.87 -34.36
C ARG A 35 -14.87 5.83 -33.42
N ILE A 36 -15.38 5.76 -32.17
CA ILE A 36 -15.03 4.79 -31.14
C ILE A 36 -16.33 4.25 -30.57
N THR A 37 -16.37 2.96 -30.25
CA THR A 37 -17.54 2.24 -29.75
C THR A 37 -17.21 1.65 -28.39
N PRO A 38 -18.00 1.92 -27.33
CA PRO A 38 -17.72 1.29 -26.04
C PRO A 38 -17.78 -0.24 -26.12
N SER A 39 -16.81 -0.91 -25.47
CA SER A 39 -16.75 -2.37 -25.43
C SER A 39 -17.73 -2.87 -24.36
N TYR A 40 -19.02 -2.54 -24.59
CA TYR A 40 -20.14 -2.80 -23.68
C TYR A 40 -21.23 -3.58 -24.33
N VAL A 41 -21.85 -4.45 -23.56
CA VAL A 41 -22.99 -5.28 -23.98
C VAL A 41 -24.01 -5.17 -22.83
N ALA A 42 -25.29 -4.97 -23.15
CA ALA A 42 -26.35 -4.92 -22.14
C ALA A 42 -27.50 -5.77 -22.62
N PHE A 43 -28.18 -6.41 -21.68
CA PHE A 43 -29.36 -7.24 -21.97
C PHE A 43 -30.51 -6.55 -21.23
N THR A 44 -31.43 -5.95 -21.96
CA THR A 44 -32.51 -5.21 -21.32
C THR A 44 -33.58 -6.18 -20.74
N PRO A 45 -34.44 -5.76 -19.77
CA PRO A 45 -35.50 -6.67 -19.26
C PRO A 45 -36.44 -7.22 -20.34
N GLU A 46 -36.70 -6.46 -21.45
CA GLU A 46 -37.51 -6.90 -22.61
C GLU A 46 -36.78 -8.00 -23.43
N GLY A 47 -35.49 -8.16 -23.20
CA GLY A 47 -34.70 -9.15 -23.93
C GLY A 47 -33.96 -8.58 -25.11
N GLU A 48 -33.81 -7.24 -25.19
CA GLU A 48 -33.04 -6.67 -26.29
C GLU A 48 -31.54 -6.68 -25.94
N ARG A 49 -30.68 -7.23 -26.84
CA ARG A 49 -29.25 -7.20 -26.69
C ARG A 49 -28.71 -5.89 -27.28
N LEU A 50 -28.15 -5.05 -26.41
CA LEU A 50 -27.56 -3.78 -26.82
C LEU A 50 -26.04 -3.90 -26.83
N ILE A 51 -25.38 -3.35 -27.86
CA ILE A 51 -23.92 -3.39 -27.98
C ILE A 51 -23.42 -1.96 -28.26
N GLY A 52 -22.39 -1.54 -27.53
CA GLY A 52 -21.76 -0.25 -27.74
C GLY A 52 -22.39 0.90 -26.99
N ASP A 53 -22.57 2.05 -27.67
CA ASP A 53 -23.14 3.28 -27.09
C ASP A 53 -24.51 3.04 -26.42
N ALA A 54 -25.42 2.29 -27.09
CA ALA A 54 -26.73 1.95 -26.52
C ALA A 54 -26.60 1.17 -25.21
N ALA A 55 -25.63 0.23 -25.14
CA ALA A 55 -25.37 -0.56 -23.93
C ALA A 55 -24.79 0.31 -22.79
N LYS A 56 -23.79 1.14 -23.11
CA LYS A 56 -23.16 2.02 -22.13
C LYS A 56 -24.09 3.15 -21.63
N ASN A 57 -24.90 3.73 -22.52
CA ASN A 57 -25.78 4.85 -22.18
C ASN A 57 -27.12 4.41 -21.58
N GLN A 58 -27.08 3.25 -20.89
CA GLN A 58 -28.17 2.55 -20.23
C GLN A 58 -27.67 1.84 -18.93
N LEU A 59 -26.33 1.68 -18.79
CA LEU A 59 -25.59 1.01 -17.70
C LEU A 59 -26.08 1.32 -16.24
N THR A 60 -26.58 2.56 -16.00
CA THR A 60 -27.06 3.02 -14.68
C THR A 60 -28.36 2.32 -14.25
N SER A 61 -29.30 2.15 -15.19
CA SER A 61 -30.57 1.48 -14.91
C SER A 61 -30.46 -0.06 -14.87
N ASN A 62 -29.35 -0.63 -15.39
CA ASN A 62 -29.14 -2.08 -15.51
C ASN A 62 -27.68 -2.51 -15.10
N PRO A 63 -27.17 -2.31 -13.85
CA PRO A 63 -25.74 -2.60 -13.60
C PRO A 63 -25.34 -4.06 -13.60
N GLU A 64 -26.31 -4.94 -13.25
CA GLU A 64 -26.15 -6.39 -13.18
C GLU A 64 -26.05 -7.00 -14.53
N ASN A 65 -26.81 -6.46 -15.50
CA ASN A 65 -26.86 -7.06 -16.81
C ASN A 65 -26.17 -6.22 -17.89
N THR A 66 -25.21 -5.40 -17.48
CA THR A 66 -24.40 -4.60 -18.41
C THR A 66 -22.98 -5.12 -18.25
N VAL A 67 -22.47 -5.75 -19.31
CA VAL A 67 -21.14 -6.38 -19.35
C VAL A 67 -20.16 -5.44 -20.03
N PHE A 68 -19.00 -5.29 -19.43
CA PHE A 68 -17.91 -4.47 -19.92
C PHE A 68 -16.64 -5.08 -19.33
N ASP A 69 -15.43 -4.58 -19.71
CA ASP A 69 -14.14 -5.05 -19.18
C ASP A 69 -13.92 -6.56 -19.34
N ALA A 70 -14.57 -7.20 -20.36
CA ALA A 70 -14.39 -8.63 -20.66
C ALA A 70 -12.92 -8.89 -21.03
N LYS A 71 -12.21 -7.85 -21.55
CA LYS A 71 -10.79 -7.89 -21.90
C LYS A 71 -9.91 -8.25 -20.70
N ARG A 72 -10.35 -7.90 -19.47
CA ARG A 72 -9.65 -8.25 -18.23
C ARG A 72 -9.75 -9.75 -17.95
N LEU A 73 -10.77 -10.43 -18.52
CA LEU A 73 -11.04 -11.86 -18.26
C LEU A 73 -10.69 -12.80 -19.40
N ILE A 74 -10.65 -12.28 -20.64
CA ILE A 74 -10.39 -13.06 -21.85
C ILE A 74 -9.05 -13.87 -21.76
N GLY A 75 -9.12 -15.15 -22.11
CA GLY A 75 -7.99 -16.08 -22.16
C GLY A 75 -7.39 -16.43 -20.82
N ARG A 76 -8.14 -16.15 -19.73
CA ARG A 76 -7.71 -16.42 -18.37
C ARG A 76 -8.55 -17.50 -17.72
N THR A 77 -7.99 -18.21 -16.77
CA THR A 77 -8.72 -19.23 -16.06
C THR A 77 -9.47 -18.55 -14.89
N TRP A 78 -10.54 -19.17 -14.44
CA TRP A 78 -11.32 -18.69 -13.31
C TRP A 78 -10.45 -18.40 -12.07
N ASN A 79 -9.55 -19.33 -11.72
CA ASN A 79 -8.73 -19.22 -10.51
C ASN A 79 -7.48 -18.35 -10.67
N ASP A 80 -7.27 -17.78 -11.86
CA ASP A 80 -6.17 -16.83 -12.11
C ASP A 80 -6.29 -15.72 -11.04
N PRO A 81 -5.26 -15.45 -10.21
CA PRO A 81 -5.39 -14.39 -9.17
C PRO A 81 -5.80 -13.02 -9.71
N SER A 82 -5.49 -12.72 -10.99
CA SER A 82 -5.88 -11.47 -11.62
C SER A 82 -7.41 -11.44 -11.79
N VAL A 83 -8.00 -12.61 -12.15
CA VAL A 83 -9.45 -12.79 -12.31
C VAL A 83 -10.15 -12.60 -10.98
N GLN A 84 -9.62 -13.25 -9.95
CA GLN A 84 -10.17 -13.23 -8.59
C GLN A 84 -10.17 -11.82 -7.99
N GLN A 85 -9.14 -11.02 -8.28
CA GLN A 85 -9.05 -9.63 -7.87
C GLN A 85 -10.06 -8.78 -8.67
N ASP A 86 -10.07 -8.89 -10.02
CA ASP A 86 -10.92 -8.08 -10.90
C ASP A 86 -12.41 -8.24 -10.68
N ILE A 87 -12.90 -9.46 -10.47
CA ILE A 87 -14.34 -9.73 -10.27
C ILE A 87 -14.90 -9.03 -8.99
N LYS A 88 -14.01 -8.64 -8.04
CA LYS A 88 -14.39 -7.90 -6.83
C LYS A 88 -14.98 -6.53 -7.20
N PHE A 89 -14.47 -5.94 -8.30
CA PHE A 89 -14.81 -4.62 -8.83
C PHE A 89 -15.81 -4.61 -9.98
N LEU A 90 -16.26 -5.81 -10.42
CA LEU A 90 -17.22 -5.90 -11.52
C LEU A 90 -18.63 -6.06 -10.99
N PRO A 91 -19.62 -5.32 -11.52
CA PRO A 91 -20.99 -5.38 -10.97
C PRO A 91 -21.81 -6.58 -11.41
N PHE A 92 -21.43 -7.22 -12.52
CA PHE A 92 -22.12 -8.39 -13.09
C PHE A 92 -21.53 -9.65 -12.48
N LYS A 93 -22.29 -10.76 -12.48
CA LYS A 93 -21.86 -12.04 -11.93
C LYS A 93 -20.86 -12.74 -12.85
N VAL A 94 -19.85 -13.33 -12.24
CA VAL A 94 -18.80 -14.10 -12.92
C VAL A 94 -18.74 -15.44 -12.20
N VAL A 95 -18.91 -16.54 -12.94
CA VAL A 95 -18.95 -17.90 -12.37
C VAL A 95 -17.88 -18.80 -13.03
N GLU A 96 -17.43 -19.83 -12.29
CA GLU A 96 -16.52 -20.79 -12.88
C GLU A 96 -17.31 -21.76 -13.75
N LYS A 97 -16.95 -21.82 -15.03
CA LYS A 97 -17.52 -22.76 -15.98
C LYS A 97 -16.40 -23.17 -16.91
N LYS A 98 -16.17 -24.51 -17.05
CA LYS A 98 -15.16 -25.11 -17.92
C LYS A 98 -13.78 -24.46 -17.67
N THR A 99 -13.44 -24.27 -16.37
CA THR A 99 -12.19 -23.67 -15.83
C THR A 99 -12.09 -22.18 -16.04
N LYS A 100 -13.08 -21.58 -16.71
CA LYS A 100 -13.05 -20.17 -17.11
C LYS A 100 -13.99 -19.25 -16.35
N PRO A 101 -13.70 -17.93 -16.31
CA PRO A 101 -14.63 -16.99 -15.67
C PRO A 101 -15.76 -16.63 -16.66
N TYR A 102 -16.90 -17.32 -16.59
CA TYR A 102 -18.03 -17.01 -17.46
C TYR A 102 -18.85 -15.91 -16.83
N ILE A 103 -19.40 -15.03 -17.66
CA ILE A 103 -20.24 -13.93 -17.22
C ILE A 103 -21.67 -14.44 -17.17
N GLN A 104 -22.33 -14.22 -16.06
CA GLN A 104 -23.72 -14.65 -15.91
C GLN A 104 -24.62 -13.40 -15.84
N VAL A 105 -25.64 -13.36 -16.71
CA VAL A 105 -26.61 -12.26 -16.80
C VAL A 105 -28.04 -12.77 -17.02
N ASP A 106 -29.01 -11.92 -16.70
CA ASP A 106 -30.43 -12.07 -17.00
C ASP A 106 -30.60 -11.42 -18.38
N ILE A 107 -30.88 -12.24 -19.40
CA ILE A 107 -31.02 -11.79 -20.77
C ILE A 107 -32.44 -11.28 -21.11
N GLY A 108 -33.31 -11.22 -20.10
CA GLY A 108 -34.69 -10.77 -20.27
C GLY A 108 -35.74 -11.65 -19.61
N GLY A 109 -36.56 -11.04 -18.77
CA GLY A 109 -37.65 -11.69 -18.06
C GLY A 109 -37.21 -12.79 -17.12
N GLY A 110 -36.05 -12.62 -16.48
CA GLY A 110 -35.54 -13.59 -15.53
C GLY A 110 -34.80 -14.78 -16.09
N GLN A 111 -34.63 -14.84 -17.43
CA GLN A 111 -33.90 -15.96 -18.04
C GLN A 111 -32.41 -15.69 -18.03
N THR A 112 -31.71 -16.57 -17.33
CA THR A 112 -30.28 -16.51 -17.07
C THR A 112 -29.52 -17.21 -18.20
N LYS A 113 -28.37 -16.64 -18.55
CA LYS A 113 -27.46 -17.15 -19.58
C LYS A 113 -26.02 -16.87 -19.14
N THR A 114 -25.08 -17.74 -19.51
CA THR A 114 -23.66 -17.58 -19.21
C THR A 114 -22.88 -17.42 -20.49
N PHE A 115 -21.91 -16.52 -20.45
CA PHE A 115 -21.08 -16.24 -21.62
C PHE A 115 -19.64 -16.29 -21.27
N ALA A 116 -18.85 -16.96 -22.12
CA ALA A 116 -17.39 -16.97 -21.96
C ALA A 116 -16.92 -15.53 -22.27
N PRO A 117 -15.82 -15.02 -21.67
CA PRO A 117 -15.36 -13.66 -22.04
C PRO A 117 -15.22 -13.45 -23.56
N GLU A 118 -14.79 -14.50 -24.30
CA GLU A 118 -14.65 -14.41 -25.78
C GLU A 118 -16.02 -14.28 -26.46
N GLU A 119 -17.10 -14.75 -25.83
CA GLU A 119 -18.46 -14.60 -26.39
C GLU A 119 -18.90 -13.15 -26.24
N ILE A 120 -18.54 -12.49 -25.14
CA ILE A 120 -18.84 -11.07 -24.95
C ILE A 120 -18.04 -10.25 -25.95
N SER A 121 -16.73 -10.53 -26.09
CA SER A 121 -15.84 -9.84 -27.03
C SER A 121 -16.27 -10.08 -28.47
N ALA A 122 -16.89 -11.27 -28.74
CA ALA A 122 -17.44 -11.60 -30.05
C ALA A 122 -18.61 -10.70 -30.38
N MET A 123 -19.42 -10.33 -29.36
CA MET A 123 -20.53 -9.41 -29.55
C MET A 123 -20.00 -8.00 -29.89
N VAL A 124 -18.92 -7.54 -29.20
CA VAL A 124 -18.27 -6.27 -29.51
C VAL A 124 -17.70 -6.33 -30.94
N LEU A 125 -16.99 -7.41 -31.29
CA LEU A 125 -16.44 -7.61 -32.63
C LEU A 125 -17.51 -7.62 -33.72
N THR A 126 -18.71 -8.20 -33.43
CA THR A 126 -19.88 -8.27 -34.33
C THR A 126 -20.34 -6.83 -34.60
N LYS A 127 -20.42 -6.00 -33.55
CA LYS A 127 -20.80 -4.59 -33.70
C LYS A 127 -19.78 -3.85 -34.56
N MET A 128 -18.46 -4.14 -34.39
CA MET A 128 -17.42 -3.49 -35.20
C MET A 128 -17.55 -3.91 -36.66
N LYS A 129 -17.87 -5.20 -36.88
CA LYS A 129 -18.02 -5.82 -38.20
C LYS A 129 -19.21 -5.17 -38.94
N GLU A 130 -20.34 -4.96 -38.26
CA GLU A 130 -21.55 -4.31 -38.78
C GLU A 130 -21.28 -2.84 -39.14
N THR A 131 -20.53 -2.12 -38.28
CA THR A 131 -20.10 -0.74 -38.49
C THR A 131 -19.30 -0.65 -39.79
N ALA A 132 -18.33 -1.57 -40.01
CA ALA A 132 -17.52 -1.59 -41.22
C ALA A 132 -18.37 -1.98 -42.43
N GLU A 133 -19.23 -3.00 -42.28
CA GLU A 133 -20.12 -3.49 -43.35
C GLU A 133 -21.10 -2.41 -43.82
N ALA A 134 -21.68 -1.60 -42.90
CA ALA A 134 -22.57 -0.47 -43.23
C ALA A 134 -21.80 0.54 -44.08
N TYR A 135 -20.55 0.80 -43.70
CA TYR A 135 -19.67 1.75 -44.37
C TYR A 135 -19.26 1.25 -45.77
N LEU A 136 -18.84 -0.01 -45.87
CA LEU A 136 -18.35 -0.56 -47.12
C LEU A 136 -19.46 -0.94 -48.09
N GLY A 137 -20.65 -1.21 -47.57
CA GLY A 137 -21.78 -1.64 -48.38
C GLY A 137 -21.69 -3.10 -48.77
N LYS A 138 -20.80 -3.84 -48.09
CA LYS A 138 -20.57 -5.25 -48.36
C LYS A 138 -20.16 -5.99 -47.09
N LYS A 139 -20.19 -7.32 -47.14
CA LYS A 139 -19.83 -8.22 -46.05
C LYS A 139 -18.32 -8.23 -45.80
N VAL A 140 -17.95 -8.29 -44.53
CA VAL A 140 -16.57 -8.37 -44.06
C VAL A 140 -16.38 -9.78 -43.48
N THR A 141 -15.33 -10.47 -43.88
CA THR A 141 -15.04 -11.83 -43.40
C THR A 141 -13.70 -11.94 -42.69
N HIS A 142 -12.78 -11.01 -42.94
CA HIS A 142 -11.42 -11.06 -42.40
C HIS A 142 -11.03 -9.80 -41.67
N ALA A 143 -10.18 -9.95 -40.67
CA ALA A 143 -9.75 -8.83 -39.82
C ALA A 143 -8.34 -8.99 -39.29
N VAL A 144 -7.74 -7.84 -38.96
CA VAL A 144 -6.48 -7.74 -38.22
C VAL A 144 -6.97 -7.20 -36.86
N VAL A 145 -6.71 -7.92 -35.78
CA VAL A 145 -7.13 -7.53 -34.42
C VAL A 145 -5.90 -7.31 -33.54
N THR A 146 -5.87 -6.18 -32.84
CA THR A 146 -4.78 -5.84 -31.94
C THR A 146 -5.08 -6.37 -30.51
N VAL A 147 -4.03 -6.58 -29.74
CA VAL A 147 -4.05 -7.04 -28.35
C VAL A 147 -2.91 -6.32 -27.63
N PRO A 148 -2.97 -6.14 -26.30
CA PRO A 148 -1.80 -5.57 -25.59
C PRO A 148 -0.57 -6.47 -25.78
N ALA A 149 0.64 -5.87 -25.79
CA ALA A 149 1.91 -6.59 -25.95
C ALA A 149 2.13 -7.67 -24.89
N TYR A 150 1.56 -7.48 -23.68
CA TYR A 150 1.69 -8.45 -22.59
C TYR A 150 0.76 -9.66 -22.76
N PHE A 151 -0.19 -9.63 -23.73
CA PHE A 151 -1.09 -10.77 -23.93
C PHE A 151 -0.32 -12.06 -24.18
N ASN A 152 -0.66 -13.12 -23.46
CA ASN A 152 0.01 -14.43 -23.58
C ASN A 152 -0.69 -15.28 -24.67
N ASP A 153 -0.29 -16.55 -24.82
CA ASP A 153 -0.86 -17.47 -25.82
C ASP A 153 -2.34 -17.68 -25.69
N ALA A 154 -2.82 -17.97 -24.47
CA ALA A 154 -4.26 -18.19 -24.23
C ALA A 154 -5.07 -16.92 -24.52
N GLN A 155 -4.57 -15.75 -24.11
CA GLN A 155 -5.25 -14.46 -24.37
C GLN A 155 -5.35 -14.13 -25.89
N ARG A 156 -4.27 -14.43 -26.66
CA ARG A 156 -4.23 -14.20 -28.12
C ARG A 156 -5.17 -15.19 -28.84
N GLN A 157 -5.19 -16.46 -28.41
CA GLN A 157 -6.07 -17.47 -29.02
C GLN A 157 -7.54 -17.13 -28.72
N ALA A 158 -7.85 -16.72 -27.46
CA ALA A 158 -9.21 -16.37 -27.07
C ALA A 158 -9.72 -15.14 -27.85
N THR A 159 -8.84 -14.19 -28.20
CA THR A 159 -9.16 -13.03 -29.04
C THR A 159 -9.49 -13.49 -30.47
N LYS A 160 -8.73 -14.49 -31.00
CA LYS A 160 -8.96 -15.07 -32.33
C LYS A 160 -10.29 -15.81 -32.34
N ASP A 161 -10.58 -16.56 -31.24
CA ASP A 161 -11.84 -17.29 -31.00
C ASP A 161 -13.04 -16.33 -30.96
N ALA A 162 -12.88 -15.16 -30.31
CA ALA A 162 -13.93 -14.11 -30.25
C ALA A 162 -14.27 -13.69 -31.67
N GLY A 163 -13.22 -13.57 -32.49
CA GLY A 163 -13.33 -13.25 -33.91
C GLY A 163 -14.11 -14.31 -34.66
N THR A 164 -13.79 -15.59 -34.44
CA THR A 164 -14.46 -16.73 -35.10
C THR A 164 -15.97 -16.71 -34.83
N ILE A 165 -16.37 -16.58 -33.55
CA ILE A 165 -17.78 -16.48 -33.12
C ILE A 165 -18.46 -15.29 -33.86
N ALA A 166 -17.75 -14.15 -33.98
CA ALA A 166 -18.23 -12.97 -34.69
C ALA A 166 -18.25 -13.11 -36.24
N GLY A 167 -17.76 -14.23 -36.77
CA GLY A 167 -17.70 -14.45 -38.22
C GLY A 167 -16.53 -13.74 -38.87
N LEU A 168 -15.49 -13.47 -38.08
CA LEU A 168 -14.29 -12.81 -38.59
C LEU A 168 -13.14 -13.79 -38.53
N ASN A 169 -12.45 -13.92 -39.66
CA ASN A 169 -11.26 -14.73 -39.70
C ASN A 169 -10.15 -13.74 -39.31
N VAL A 170 -9.65 -13.86 -38.08
CA VAL A 170 -8.60 -12.97 -37.60
C VAL A 170 -7.28 -13.49 -38.17
N MET A 171 -6.85 -12.87 -39.27
CA MET A 171 -5.65 -13.24 -40.05
C MET A 171 -4.39 -12.95 -39.30
N ARG A 172 -4.38 -11.81 -38.59
CA ARG A 172 -3.21 -11.38 -37.83
C ARG A 172 -3.67 -10.86 -36.48
N ILE A 173 -2.97 -11.25 -35.41
CA ILE A 173 -3.13 -10.70 -34.08
C ILE A 173 -1.87 -9.83 -33.96
N ILE A 174 -2.03 -8.52 -33.76
CA ILE A 174 -0.86 -7.66 -33.68
C ILE A 174 -0.84 -6.90 -32.36
N ASN A 175 0.34 -6.59 -31.83
CA ASN A 175 0.43 -5.84 -30.58
C ASN A 175 -0.06 -4.40 -30.76
N GLU A 176 -0.88 -3.89 -29.82
CA GLU A 176 -1.40 -2.52 -29.81
C GLU A 176 -0.28 -1.47 -29.94
N PRO A 177 0.84 -1.54 -29.18
CA PRO A 177 1.90 -0.53 -29.36
C PRO A 177 2.57 -0.59 -30.74
N THR A 178 2.66 -1.79 -31.34
CA THR A 178 3.21 -1.96 -32.70
C THR A 178 2.27 -1.30 -33.70
N ALA A 179 0.92 -1.51 -33.58
CA ALA A 179 -0.06 -0.90 -34.49
C ALA A 179 0.06 0.63 -34.41
N ALA A 180 0.13 1.20 -33.18
CA ALA A 180 0.32 2.63 -33.00
C ALA A 180 1.57 3.15 -33.75
N ALA A 181 2.69 2.42 -33.67
CA ALA A 181 3.96 2.76 -34.33
C ALA A 181 3.81 2.73 -35.85
N ILE A 182 3.09 1.73 -36.41
CA ILE A 182 2.81 1.57 -37.84
C ILE A 182 1.97 2.76 -38.31
N ALA A 183 0.95 3.16 -37.51
CA ALA A 183 0.08 4.33 -37.76
C ALA A 183 0.92 5.56 -38.04
N TYR A 184 2.03 5.75 -37.27
CA TYR A 184 2.95 6.87 -37.42
C TYR A 184 4.05 6.67 -38.47
N GLY A 185 3.99 5.57 -39.24
CA GLY A 185 4.98 5.23 -40.26
C GLY A 185 6.38 4.96 -39.71
N LEU A 186 6.46 4.55 -38.43
CA LEU A 186 7.75 4.30 -37.79
C LEU A 186 8.38 3.00 -38.27
N ASP A 187 7.60 2.15 -38.97
CA ASP A 187 8.07 0.91 -39.57
C ASP A 187 9.02 1.19 -40.74
N LYS A 188 8.67 2.15 -41.62
CA LYS A 188 9.47 2.46 -42.82
C LYS A 188 10.63 3.47 -42.53
N ARG A 189 11.21 3.39 -41.32
CA ARG A 189 12.37 4.21 -40.92
C ARG A 189 13.61 3.38 -41.24
N GLU A 190 14.81 3.92 -41.00
CA GLU A 190 16.01 3.14 -41.29
C GLU A 190 16.94 3.05 -40.13
N GLY A 191 17.49 1.86 -39.94
CA GLY A 191 18.41 1.58 -38.84
C GLY A 191 17.68 1.11 -37.60
N GLU A 192 18.42 1.05 -36.48
CA GLU A 192 17.85 0.62 -35.21
C GLU A 192 17.27 1.82 -34.47
N LYS A 193 15.99 1.74 -34.08
CA LYS A 193 15.35 2.81 -33.32
C LYS A 193 14.59 2.23 -32.13
N ASN A 194 14.60 2.97 -31.00
CA ASN A 194 13.89 2.61 -29.77
C ASN A 194 12.65 3.49 -29.67
N ILE A 195 11.50 2.85 -29.57
CA ILE A 195 10.19 3.51 -29.52
C ILE A 195 9.54 3.29 -28.17
N LEU A 196 9.18 4.39 -27.53
CA LEU A 196 8.45 4.35 -26.28
C LEU A 196 6.99 4.64 -26.63
N VAL A 197 6.11 3.67 -26.35
CA VAL A 197 4.68 3.84 -26.58
C VAL A 197 4.04 4.03 -25.20
N PHE A 198 3.41 5.20 -24.98
CA PHE A 198 2.76 5.58 -23.74
C PHE A 198 1.27 5.55 -24.01
N ASP A 199 0.60 4.50 -23.52
CA ASP A 199 -0.83 4.25 -23.81
C ASP A 199 -1.71 4.38 -22.59
N LEU A 200 -2.35 5.54 -22.45
CA LEU A 200 -3.24 5.84 -21.34
C LEU A 200 -4.67 5.81 -21.85
N GLY A 201 -5.34 4.67 -21.67
CA GLY A 201 -6.71 4.43 -22.10
C GLY A 201 -7.74 4.85 -21.05
N GLY A 202 -8.97 4.40 -21.22
CA GLY A 202 -10.07 4.71 -20.30
C GLY A 202 -9.97 4.03 -18.94
N GLY A 203 -9.38 2.84 -18.92
CA GLY A 203 -9.24 2.07 -17.69
C GLY A 203 -7.91 1.42 -17.46
N THR A 204 -7.00 1.50 -18.43
CA THR A 204 -5.67 0.88 -18.38
C THR A 204 -4.56 1.83 -18.81
N PHE A 205 -3.36 1.58 -18.27
CA PHE A 205 -2.18 2.34 -18.61
C PHE A 205 -1.11 1.36 -19.04
N ASP A 206 -0.68 1.43 -20.30
CA ASP A 206 0.33 0.52 -20.82
C ASP A 206 1.54 1.27 -21.38
N VAL A 207 2.74 0.88 -20.97
CA VAL A 207 4.00 1.46 -21.46
C VAL A 207 4.75 0.33 -22.13
N SER A 208 5.17 0.54 -23.37
CA SER A 208 5.90 -0.49 -24.09
C SER A 208 7.14 0.08 -24.74
N LEU A 209 8.24 -0.64 -24.59
CA LEU A 209 9.50 -0.27 -25.23
C LEU A 209 9.63 -1.19 -26.43
N LEU A 210 9.61 -0.62 -27.64
CA LEU A 210 9.78 -1.41 -28.87
C LEU A 210 11.04 -1.03 -29.58
N THR A 211 11.63 -1.97 -30.30
CA THR A 211 12.76 -1.71 -31.16
C THR A 211 12.32 -1.98 -32.59
N ILE A 212 12.71 -1.09 -33.49
CA ILE A 212 12.47 -1.22 -34.91
C ILE A 212 13.83 -1.37 -35.58
N ASP A 213 13.99 -2.46 -36.35
CA ASP A 213 15.23 -2.72 -37.08
C ASP A 213 14.90 -3.37 -38.41
N ASN A 214 15.24 -2.64 -39.51
CA ASN A 214 15.00 -3.06 -40.90
C ASN A 214 13.50 -3.42 -41.12
N GLY A 215 12.63 -2.59 -40.56
CA GLY A 215 11.17 -2.75 -40.63
C GLY A 215 10.55 -3.79 -39.70
N VAL A 216 11.35 -4.45 -38.86
CA VAL A 216 10.90 -5.48 -37.91
C VAL A 216 10.83 -4.95 -36.46
N PHE A 217 9.64 -5.09 -35.83
CA PHE A 217 9.37 -4.64 -34.48
C PHE A 217 9.61 -5.75 -33.48
N GLU A 218 10.16 -5.38 -32.33
CA GLU A 218 10.38 -6.29 -31.23
C GLU A 218 9.95 -5.57 -29.96
N VAL A 219 9.12 -6.22 -29.14
CA VAL A 219 8.68 -5.67 -27.85
C VAL A 219 9.77 -6.08 -26.85
N VAL A 220 10.52 -5.08 -26.35
CA VAL A 220 11.63 -5.31 -25.42
C VAL A 220 11.14 -5.40 -23.97
N ALA A 221 10.34 -4.44 -23.54
CA ALA A 221 9.79 -4.42 -22.18
C ALA A 221 8.42 -3.77 -22.15
N THR A 222 7.60 -4.22 -21.20
CA THR A 222 6.26 -3.68 -20.95
C THR A 222 6.06 -3.40 -19.46
N ASN A 223 5.28 -2.35 -19.15
CA ASN A 223 4.89 -1.98 -17.80
C ASN A 223 3.59 -1.16 -17.86
N GLY A 224 3.22 -0.55 -16.74
CA GLY A 224 2.03 0.27 -16.66
C GLY A 224 1.24 -0.02 -15.41
N ASP A 225 -0.04 0.27 -15.47
CA ASP A 225 -0.94 0.03 -14.36
C ASP A 225 -2.26 -0.37 -14.96
N THR A 226 -2.68 -1.60 -14.70
CA THR A 226 -3.93 -2.20 -15.21
C THR A 226 -5.19 -1.50 -14.71
N HIS A 227 -5.09 -0.73 -13.62
CA HIS A 227 -6.24 -0.03 -13.03
C HIS A 227 -6.06 1.48 -12.95
N LEU A 228 -5.49 2.06 -13.98
CA LEU A 228 -5.29 3.50 -14.10
C LEU A 228 -5.68 3.93 -15.49
N GLY A 229 -6.62 4.85 -15.59
CA GLY A 229 -7.08 5.38 -16.87
C GLY A 229 -7.93 6.61 -16.73
N GLY A 230 -8.46 7.09 -17.85
CA GLY A 230 -9.32 8.29 -17.91
C GLY A 230 -10.50 8.29 -16.95
N GLU A 231 -11.12 7.11 -16.72
CA GLU A 231 -12.24 6.95 -15.80
C GLU A 231 -11.86 7.28 -14.35
N ASP A 232 -10.57 7.08 -13.98
CA ASP A 232 -10.06 7.39 -12.63
C ASP A 232 -9.98 8.89 -12.43
N PHE A 233 -9.71 9.61 -13.53
CA PHE A 233 -9.64 11.07 -13.54
C PHE A 233 -11.05 11.63 -13.38
N ASP A 234 -12.06 10.95 -13.98
CA ASP A 234 -13.47 11.32 -13.85
C ASP A 234 -13.89 11.16 -12.39
N GLN A 235 -13.57 9.99 -11.81
CA GLN A 235 -13.91 9.64 -10.43
C GLN A 235 -13.39 10.63 -9.40
N ARG A 236 -12.19 11.20 -9.64
CA ARG A 236 -11.57 12.20 -8.75
C ARG A 236 -12.36 13.50 -8.77
N VAL A 237 -12.89 13.85 -9.95
CA VAL A 237 -13.69 15.06 -10.15
C VAL A 237 -15.09 14.81 -9.53
N MET A 238 -15.67 13.59 -9.71
CA MET A 238 -16.95 13.16 -9.12
C MET A 238 -16.90 13.36 -7.60
N GLU A 239 -15.86 12.78 -6.95
CA GLU A 239 -15.59 12.87 -5.53
C GLU A 239 -15.53 14.33 -5.08
N HIS A 240 -14.81 15.18 -5.82
CA HIS A 240 -14.67 16.62 -5.55
C HIS A 240 -16.03 17.36 -5.52
N PHE A 241 -16.93 17.05 -6.48
CA PHE A 241 -18.22 17.70 -6.54
C PHE A 241 -19.23 17.12 -5.55
N ILE A 242 -19.18 15.79 -5.30
CA ILE A 242 -20.04 15.13 -4.32
C ILE A 242 -19.71 15.69 -2.92
N LYS A 243 -18.42 15.88 -2.63
CA LYS A 243 -17.90 16.48 -1.39
C LYS A 243 -18.41 17.94 -1.24
N LEU A 244 -18.25 18.74 -2.31
CA LEU A 244 -18.65 20.15 -2.39
C LEU A 244 -20.16 20.34 -2.21
N TYR A 245 -20.98 19.48 -2.88
CA TYR A 245 -22.45 19.51 -2.81
C TYR A 245 -22.93 19.22 -1.38
N LYS A 246 -22.33 18.22 -0.69
CA LYS A 246 -22.62 17.88 0.71
C LYS A 246 -22.25 19.07 1.61
N LYS A 247 -21.16 19.78 1.28
CA LYS A 247 -20.71 20.96 2.05
C LYS A 247 -21.73 22.11 1.94
N LYS A 248 -22.23 22.36 0.72
CA LYS A 248 -23.19 23.42 0.38
C LYS A 248 -24.64 23.15 0.80
N THR A 249 -25.16 21.93 0.55
CA THR A 249 -26.57 21.56 0.76
C THR A 249 -26.83 20.57 1.92
N GLY A 250 -25.77 19.91 2.40
CA GLY A 250 -25.85 18.90 3.45
C GLY A 250 -26.34 17.55 2.95
N LYS A 251 -26.61 17.45 1.63
CA LYS A 251 -27.14 16.27 0.95
C LYS A 251 -26.05 15.31 0.48
N ASP A 252 -26.37 14.02 0.42
CA ASP A 252 -25.49 12.95 -0.05
C ASP A 252 -26.00 12.46 -1.39
N VAL A 253 -25.36 12.95 -2.47
CA VAL A 253 -25.65 12.67 -3.88
C VAL A 253 -25.77 11.16 -4.19
N ARG A 254 -24.85 10.33 -3.64
CA ARG A 254 -24.79 8.88 -3.92
C ARG A 254 -26.04 8.09 -3.48
N LYS A 255 -26.93 8.69 -2.63
CA LYS A 255 -28.21 8.08 -2.24
C LYS A 255 -29.11 7.91 -3.48
N ASP A 256 -28.91 8.78 -4.50
CA ASP A 256 -29.60 8.77 -5.79
C ASP A 256 -28.59 8.40 -6.89
N ASN A 257 -28.71 7.16 -7.41
CA ASN A 257 -27.87 6.60 -8.46
C ASN A 257 -28.04 7.37 -9.78
N ARG A 258 -29.27 7.88 -10.03
CA ARG A 258 -29.69 8.67 -11.19
C ARG A 258 -28.96 10.03 -11.19
N ALA A 259 -28.70 10.57 -10.02
CA ALA A 259 -28.01 11.84 -9.85
C ALA A 259 -26.48 11.65 -10.08
N VAL A 260 -25.93 10.46 -9.73
CA VAL A 260 -24.49 10.21 -9.94
C VAL A 260 -24.20 9.97 -11.43
N GLN A 261 -25.09 9.27 -12.16
CA GLN A 261 -24.91 9.04 -13.60
C GLN A 261 -24.86 10.37 -14.36
N LYS A 262 -25.78 11.28 -14.02
CA LYS A 262 -25.92 12.59 -14.62
C LYS A 262 -24.66 13.39 -14.37
N LEU A 263 -24.14 13.35 -13.13
CA LEU A 263 -22.91 14.07 -12.78
C LEU A 263 -21.71 13.46 -13.51
N ARG A 264 -21.69 12.12 -13.65
CA ARG A 264 -20.64 11.37 -14.37
C ARG A 264 -20.56 11.85 -15.80
N ARG A 265 -21.72 11.87 -16.51
CA ARG A 265 -21.82 12.31 -17.91
C ARG A 265 -21.28 13.72 -18.08
N GLU A 266 -21.71 14.64 -17.23
CA GLU A 266 -21.29 16.04 -17.31
C GLU A 266 -19.81 16.25 -16.93
N VAL A 267 -19.29 15.51 -15.92
CA VAL A 267 -17.89 15.55 -15.48
C VAL A 267 -16.94 15.08 -16.62
N GLU A 268 -17.29 13.99 -17.32
CA GLU A 268 -16.55 13.44 -18.45
C GLU A 268 -16.44 14.51 -19.57
N LYS A 269 -17.59 15.13 -19.94
CA LYS A 269 -17.70 16.17 -20.95
C LYS A 269 -16.84 17.38 -20.53
N ALA A 270 -16.91 17.79 -19.24
CA ALA A 270 -16.11 18.87 -18.69
C ALA A 270 -14.61 18.55 -18.80
N LYS A 271 -14.20 17.30 -18.46
CA LYS A 271 -12.82 16.82 -18.53
C LYS A 271 -12.25 16.95 -19.93
N ARG A 272 -13.00 16.47 -20.94
CA ARG A 272 -12.62 16.51 -22.36
C ARG A 272 -12.46 17.96 -22.79
N ALA A 273 -13.39 18.84 -22.37
CA ALA A 273 -13.36 20.28 -22.69
C ALA A 273 -12.12 20.95 -22.13
N LEU A 274 -11.68 20.54 -20.92
CA LEU A 274 -10.50 21.09 -20.22
C LEU A 274 -9.16 20.76 -20.90
N SER A 275 -9.18 19.95 -21.97
CA SER A 275 -7.97 19.63 -22.73
C SER A 275 -7.67 20.76 -23.72
N SER A 276 -8.71 21.56 -24.06
CA SER A 276 -8.66 22.70 -24.97
C SER A 276 -9.02 24.04 -24.30
N GLN A 277 -10.02 24.06 -23.40
CA GLN A 277 -10.47 25.25 -22.65
C GLN A 277 -9.83 25.28 -21.25
N HIS A 278 -9.74 26.46 -20.62
CA HIS A 278 -9.13 26.58 -19.29
C HIS A 278 -10.14 26.43 -18.14
N GLN A 279 -11.43 26.38 -18.48
CA GLN A 279 -12.53 26.17 -17.55
C GLN A 279 -13.77 25.62 -18.25
N ALA A 280 -14.51 24.77 -17.53
CA ALA A 280 -15.74 24.16 -18.03
C ALA A 280 -16.81 24.29 -16.95
N ARG A 281 -18.05 24.33 -17.38
CA ARG A 281 -19.11 24.46 -16.43
C ARG A 281 -20.05 23.28 -16.51
N ILE A 282 -20.40 22.77 -15.35
CA ILE A 282 -21.26 21.62 -15.21
C ILE A 282 -22.59 22.12 -14.72
N GLU A 283 -23.60 21.89 -15.54
CA GLU A 283 -24.94 22.31 -15.23
C GLU A 283 -25.81 21.09 -15.39
N ILE A 284 -26.60 20.81 -14.36
CA ILE A 284 -27.51 19.69 -14.40
C ILE A 284 -28.81 20.11 -13.71
N GLU A 285 -29.92 20.04 -14.48
CA GLU A 285 -31.28 20.41 -14.13
C GLU A 285 -31.91 19.25 -13.36
N SER A 286 -32.61 19.57 -12.24
CA SER A 286 -33.30 18.61 -11.35
C SER A 286 -32.32 17.49 -10.96
N PHE A 287 -31.13 17.91 -10.50
CA PHE A 287 -30.01 17.06 -10.11
C PHE A 287 -30.36 16.14 -8.92
N TYR A 288 -30.58 16.73 -7.75
CA TYR A 288 -30.88 15.99 -6.53
C TYR A 288 -32.08 16.63 -5.83
N GLU A 289 -33.17 15.84 -5.65
CA GLU A 289 -34.43 16.24 -5.00
C GLU A 289 -35.03 17.49 -5.68
N GLY A 290 -35.04 17.48 -7.02
CA GLY A 290 -35.54 18.56 -7.87
C GLY A 290 -34.67 19.80 -7.95
N GLU A 291 -33.61 19.89 -7.13
CA GLU A 291 -32.70 21.04 -7.13
C GLU A 291 -31.66 20.95 -8.25
N ASP A 292 -31.32 22.08 -8.88
CA ASP A 292 -30.36 22.13 -9.97
C ASP A 292 -28.92 22.29 -9.47
N PHE A 293 -27.97 21.70 -10.20
CA PHE A 293 -26.54 21.77 -9.95
C PHE A 293 -25.90 22.70 -10.99
N SER A 294 -25.09 23.64 -10.51
CA SER A 294 -24.34 24.55 -11.36
C SER A 294 -22.99 24.81 -10.71
N GLU A 295 -21.93 24.24 -11.29
CA GLU A 295 -20.56 24.39 -10.78
C GLU A 295 -19.57 24.52 -11.93
N THR A 296 -18.41 25.10 -11.66
CA THR A 296 -17.37 25.24 -12.66
C THR A 296 -16.13 24.47 -12.22
N LEU A 297 -15.33 24.08 -13.21
CA LEU A 297 -14.07 23.40 -12.98
C LEU A 297 -13.02 24.04 -13.85
N THR A 298 -11.90 24.43 -13.25
CA THR A 298 -10.79 24.99 -13.99
C THR A 298 -9.84 23.84 -14.32
N ARG A 299 -8.95 24.04 -15.30
CA ARG A 299 -7.94 23.07 -15.66
C ARG A 299 -7.00 22.88 -14.45
N ALA A 300 -6.65 23.99 -13.75
CA ALA A 300 -5.80 23.99 -12.54
C ALA A 300 -6.35 23.09 -11.42
N LYS A 301 -7.68 23.19 -11.13
CA LYS A 301 -8.31 22.35 -10.08
C LYS A 301 -8.33 20.88 -10.51
N PHE A 302 -8.70 20.60 -11.78
CA PHE A 302 -8.70 19.26 -12.39
C PHE A 302 -7.30 18.60 -12.24
N GLU A 303 -6.24 19.34 -12.62
CA GLU A 303 -4.84 18.90 -12.54
C GLU A 303 -4.47 18.63 -11.11
N GLU A 304 -4.89 19.50 -10.17
CA GLU A 304 -4.62 19.36 -8.73
C GLU A 304 -5.33 18.11 -8.19
N LEU A 305 -6.56 17.83 -8.67
CA LEU A 305 -7.36 16.68 -8.23
C LEU A 305 -6.78 15.35 -8.66
N ASN A 306 -6.00 15.38 -9.76
CA ASN A 306 -5.41 14.23 -10.43
C ASN A 306 -3.89 14.20 -10.50
N MET A 307 -3.20 15.13 -9.82
CA MET A 307 -1.73 15.26 -9.86
C MET A 307 -0.97 14.00 -9.51
N ASP A 308 -1.29 13.35 -8.39
CA ASP A 308 -0.66 12.09 -8.00
C ASP A 308 -0.84 11.01 -9.07
N LEU A 309 -2.05 10.91 -9.67
CA LEU A 309 -2.38 9.94 -10.72
C LEU A 309 -1.61 10.23 -11.98
N PHE A 310 -1.56 11.52 -12.39
CA PHE A 310 -0.80 11.96 -13.56
C PHE A 310 0.70 11.64 -13.35
N ARG A 311 1.27 12.04 -12.20
CA ARG A 311 2.68 11.79 -11.84
C ARG A 311 3.05 10.32 -11.74
N SER A 312 2.09 9.46 -11.33
CA SER A 312 2.29 8.01 -11.20
C SER A 312 2.60 7.32 -12.54
N THR A 313 2.22 7.93 -13.68
CA THR A 313 2.45 7.40 -15.03
C THR A 313 3.96 7.33 -15.40
N MET A 314 4.81 8.15 -14.74
CA MET A 314 6.25 8.23 -15.01
C MET A 314 7.04 7.05 -14.45
N LYS A 315 6.56 6.41 -13.35
CA LYS A 315 7.21 5.25 -12.71
C LYS A 315 7.30 4.03 -13.66
N PRO A 316 6.21 3.57 -14.34
CA PRO A 316 6.35 2.45 -15.29
C PRO A 316 7.25 2.79 -16.48
N VAL A 317 7.37 4.09 -16.88
CA VAL A 317 8.22 4.56 -17.98
C VAL A 317 9.68 4.35 -17.55
N GLN A 318 10.00 4.66 -16.28
CA GLN A 318 11.34 4.43 -15.72
C GLN A 318 11.63 2.93 -15.62
N LYS A 319 10.64 2.11 -15.17
CA LYS A 319 10.81 0.66 -15.07
C LYS A 319 11.05 0.01 -16.43
N VAL A 320 10.40 0.50 -17.51
CA VAL A 320 10.63 -0.11 -18.84
C VAL A 320 12.03 0.23 -19.34
N LEU A 321 12.54 1.45 -19.07
CA LEU A 321 13.89 1.87 -19.49
C LEU A 321 14.98 1.03 -18.82
N GLU A 322 14.80 0.71 -17.52
CA GLU A 322 15.71 -0.12 -16.74
C GLU A 322 15.70 -1.57 -17.26
N ASP A 323 14.48 -2.14 -17.47
CA ASP A 323 14.27 -3.50 -17.97
C ASP A 323 14.71 -3.69 -19.44
N SER A 324 15.02 -2.58 -20.14
CA SER A 324 15.48 -2.54 -21.52
C SER A 324 16.96 -2.12 -21.59
N ASP A 325 17.59 -1.84 -20.41
CA ASP A 325 18.98 -1.37 -20.27
C ASP A 325 19.23 -0.12 -21.12
N LEU A 326 18.22 0.77 -21.19
CA LEU A 326 18.27 2.02 -21.93
C LEU A 326 18.13 3.19 -20.99
N LYS A 327 18.54 4.37 -21.45
CA LYS A 327 18.40 5.60 -20.68
C LYS A 327 17.45 6.49 -21.50
N LYS A 328 16.97 7.60 -20.92
CA LYS A 328 16.06 8.57 -21.57
C LYS A 328 16.48 8.99 -22.97
N SER A 329 17.78 9.28 -23.17
CA SER A 329 18.36 9.73 -24.45
C SER A 329 18.39 8.67 -25.56
N ASP A 330 18.22 7.40 -25.19
CA ASP A 330 18.20 6.28 -26.13
C ASP A 330 16.85 6.14 -26.86
N ILE A 331 15.81 6.85 -26.39
CA ILE A 331 14.47 6.84 -27.00
C ILE A 331 14.45 7.77 -28.18
N ASP A 332 14.26 7.19 -29.35
CA ASP A 332 14.23 7.89 -30.64
C ASP A 332 12.86 8.42 -31.00
N GLU A 333 11.80 7.73 -30.54
CA GLU A 333 10.40 8.08 -30.84
C GLU A 333 9.49 7.86 -29.63
N ILE A 334 8.63 8.86 -29.32
CA ILE A 334 7.64 8.79 -28.26
C ILE A 334 6.26 8.77 -28.92
N VAL A 335 5.50 7.69 -28.71
CA VAL A 335 4.15 7.53 -29.26
C VAL A 335 3.12 7.59 -28.14
N LEU A 336 2.19 8.55 -28.23
CA LEU A 336 1.11 8.74 -27.25
C LEU A 336 -0.15 8.08 -27.77
N VAL A 337 -0.73 7.17 -26.99
CA VAL A 337 -1.92 6.40 -27.39
C VAL A 337 -3.01 6.56 -26.33
N GLY A 338 -4.26 6.66 -26.75
CA GLY A 338 -5.40 6.84 -25.85
C GLY A 338 -5.84 8.28 -25.74
N GLY A 339 -7.16 8.48 -25.69
CA GLY A 339 -7.77 9.80 -25.58
C GLY A 339 -7.22 10.64 -24.43
N SER A 340 -6.89 9.98 -23.30
CA SER A 340 -6.34 10.62 -22.10
C SER A 340 -5.00 11.33 -22.34
N THR A 341 -4.26 10.95 -23.40
CA THR A 341 -2.98 11.59 -23.71
C THR A 341 -3.19 13.04 -24.23
N ARG A 342 -4.46 13.43 -24.54
CA ARG A 342 -4.80 14.80 -24.96
C ARG A 342 -4.76 15.76 -23.77
N ILE A 343 -4.72 15.22 -22.53
CA ILE A 343 -4.64 16.02 -21.30
C ILE A 343 -3.31 16.81 -21.34
N PRO A 344 -3.37 18.18 -21.33
CA PRO A 344 -2.13 18.99 -21.41
C PRO A 344 -1.09 18.64 -20.36
N LYS A 345 -1.49 18.35 -19.09
CA LYS A 345 -0.53 17.97 -18.04
C LYS A 345 0.19 16.65 -18.33
N ILE A 346 -0.53 15.70 -18.94
CA ILE A 346 0.04 14.39 -19.32
C ILE A 346 1.12 14.61 -20.40
N GLN A 347 0.80 15.44 -21.42
CA GLN A 347 1.73 15.75 -22.52
C GLN A 347 2.97 16.50 -22.00
N GLN A 348 2.80 17.44 -21.03
CA GLN A 348 3.91 18.17 -20.40
C GLN A 348 4.79 17.18 -19.63
N LEU A 349 4.16 16.31 -18.78
CA LEU A 349 4.88 15.32 -17.98
C LEU A 349 5.76 14.38 -18.81
N VAL A 350 5.23 13.91 -19.96
CA VAL A 350 5.98 13.00 -20.84
C VAL A 350 7.16 13.77 -21.47
N LYS A 351 6.88 14.93 -22.07
CA LYS A 351 7.86 15.82 -22.70
C LYS A 351 9.01 16.17 -21.72
N GLU A 352 8.66 16.56 -20.48
CA GLU A 352 9.62 16.93 -19.43
C GLU A 352 10.44 15.75 -18.96
N PHE A 353 9.83 14.55 -18.88
CA PHE A 353 10.54 13.31 -18.53
C PHE A 353 11.63 13.03 -19.57
N PHE A 354 11.32 13.24 -20.86
CA PHE A 354 12.24 13.03 -21.97
C PHE A 354 12.98 14.32 -22.37
N ASN A 355 13.28 15.14 -21.35
CA ASN A 355 14.02 16.41 -21.38
C ASN A 355 13.70 17.31 -22.62
N GLY A 356 12.41 17.55 -22.85
CA GLY A 356 11.93 18.42 -23.92
C GLY A 356 11.62 17.78 -25.25
N LYS A 357 11.89 16.46 -25.40
CA LYS A 357 11.63 15.75 -26.66
C LYS A 357 10.13 15.73 -27.02
N GLU A 358 9.82 16.14 -28.25
CA GLU A 358 8.46 16.16 -28.76
C GLU A 358 8.00 14.76 -29.20
N PRO A 359 6.79 14.32 -28.78
CA PRO A 359 6.30 13.01 -29.24
C PRO A 359 5.79 13.09 -30.68
N SER A 360 5.57 11.92 -31.32
CA SER A 360 5.01 11.84 -32.67
C SER A 360 3.61 12.50 -32.62
N ARG A 361 3.16 13.12 -33.72
CA ARG A 361 1.85 13.80 -33.72
C ARG A 361 1.15 13.71 -35.07
N GLY A 362 -0.17 13.90 -35.07
CA GLY A 362 -0.96 13.88 -36.31
C GLY A 362 -2.17 12.99 -36.33
N ILE A 363 -2.06 11.80 -35.72
CA ILE A 363 -3.16 10.84 -35.65
C ILE A 363 -3.84 10.96 -34.31
N ASN A 364 -5.20 10.91 -34.29
CA ASN A 364 -5.99 10.94 -33.08
C ASN A 364 -5.48 9.77 -32.18
N PRO A 365 -4.98 10.05 -30.95
CA PRO A 365 -4.43 8.97 -30.09
C PRO A 365 -5.40 7.85 -29.75
N ASP A 366 -6.70 8.13 -29.77
CA ASP A 366 -7.73 7.15 -29.51
C ASP A 366 -7.98 6.26 -30.76
N GLU A 367 -7.44 6.65 -31.92
CA GLU A 367 -7.62 5.92 -33.19
C GLU A 367 -6.36 5.31 -33.77
N ALA A 368 -5.18 5.68 -33.22
CA ALA A 368 -3.85 5.25 -33.69
C ALA A 368 -3.68 3.74 -33.80
N VAL A 369 -4.21 2.98 -32.84
CA VAL A 369 -4.09 1.53 -32.86
C VAL A 369 -4.94 0.93 -33.99
N ALA A 370 -6.23 1.32 -34.12
CA ALA A 370 -7.07 0.82 -35.23
C ALA A 370 -6.50 1.29 -36.59
N TYR A 371 -5.89 2.51 -36.62
CA TYR A 371 -5.25 3.09 -37.83
C TYR A 371 -4.15 2.14 -38.28
N GLY A 372 -3.22 1.81 -37.36
CA GLY A 372 -2.14 0.85 -37.61
C GLY A 372 -2.65 -0.50 -38.07
N ALA A 373 -3.70 -1.01 -37.41
CA ALA A 373 -4.32 -2.30 -37.78
C ALA A 373 -4.85 -2.24 -39.24
N ALA A 374 -5.50 -1.11 -39.62
CA ALA A 374 -6.05 -0.85 -40.97
C ALA A 374 -4.95 -0.74 -42.01
N VAL A 375 -3.79 -0.14 -41.66
CA VAL A 375 -2.62 -0.08 -42.54
C VAL A 375 -2.23 -1.53 -42.92
N GLN A 376 -2.11 -2.42 -41.92
CA GLN A 376 -1.77 -3.83 -42.15
C GLN A 376 -2.86 -4.56 -42.91
N ALA A 377 -4.14 -4.23 -42.61
CA ALA A 377 -5.33 -4.77 -43.26
C ALA A 377 -5.35 -4.40 -44.76
N GLY A 378 -4.86 -3.19 -45.07
CA GLY A 378 -4.73 -2.64 -46.42
C GLY A 378 -3.81 -3.48 -47.29
N VAL A 379 -2.64 -3.83 -46.75
CA VAL A 379 -1.62 -4.69 -47.40
C VAL A 379 -2.24 -6.08 -47.67
N LEU A 380 -2.92 -6.67 -46.66
CA LEU A 380 -3.54 -7.99 -46.77
C LEU A 380 -4.74 -8.03 -47.71
N SER A 381 -5.42 -6.89 -47.92
CA SER A 381 -6.56 -6.84 -48.83
C SER A 381 -6.05 -6.82 -50.27
N GLY A 382 -4.84 -6.28 -50.47
CA GLY A 382 -4.17 -6.17 -51.77
C GLY A 382 -4.98 -5.41 -52.82
N ASP B 1 32.17 21.05 24.58
CA ASP B 1 32.47 19.68 24.99
C ASP B 1 31.22 18.87 25.24
N VAL B 2 30.91 17.98 24.29
CA VAL B 2 29.77 17.07 24.36
C VAL B 2 30.19 15.71 24.98
N GLY B 3 31.50 15.46 25.05
CA GLY B 3 32.08 14.23 25.59
C GLY B 3 31.71 13.05 24.73
N THR B 4 31.48 11.89 25.36
CA THR B 4 31.02 10.71 24.62
C THR B 4 29.50 10.77 24.64
N VAL B 5 28.92 11.05 23.47
CA VAL B 5 27.46 11.14 23.33
C VAL B 5 26.90 9.72 23.33
N VAL B 6 25.81 9.49 24.05
CA VAL B 6 25.19 8.16 24.06
C VAL B 6 23.98 8.09 23.11
N GLY B 7 23.68 6.91 22.61
CA GLY B 7 22.50 6.68 21.79
C GLY B 7 21.48 5.94 22.63
N ILE B 8 20.30 6.54 22.85
CA ILE B 8 19.28 5.89 23.69
C ILE B 8 17.96 5.60 22.97
N ASP B 9 17.56 4.35 22.96
CA ASP B 9 16.24 3.95 22.51
C ASP B 9 15.40 3.94 23.80
N LEU B 10 14.47 4.89 23.92
CA LEU B 10 13.60 4.99 25.09
C LEU B 10 12.27 4.39 24.69
N GLY B 11 12.12 3.09 24.97
CA GLY B 11 10.96 2.33 24.56
C GLY B 11 9.83 2.31 25.55
N THR B 12 8.66 1.88 25.09
CA THR B 12 7.47 1.76 25.92
C THR B 12 7.71 0.80 27.08
N THR B 13 8.25 -0.38 26.79
CA THR B 13 8.46 -1.42 27.80
C THR B 13 9.92 -1.62 28.14
N TYR B 14 10.83 -1.49 27.14
CA TYR B 14 12.28 -1.63 27.30
C TYR B 14 13.05 -0.50 26.67
N SER B 15 14.19 -0.19 27.25
CA SER B 15 15.11 0.82 26.75
C SER B 15 16.48 0.21 26.52
N CYS B 16 17.25 0.82 25.63
CA CYS B 16 18.54 0.32 25.21
C CYS B 16 19.49 1.50 25.04
N VAL B 17 20.77 1.30 25.40
CA VAL B 17 21.75 2.35 25.29
C VAL B 17 23.04 1.83 24.61
N GLY B 18 23.53 2.61 23.67
CA GLY B 18 24.75 2.31 22.92
C GLY B 18 25.69 3.49 22.85
N VAL B 19 26.97 3.20 22.58
CA VAL B 19 28.01 4.22 22.39
C VAL B 19 28.86 3.84 21.17
N PHE B 20 29.52 4.80 20.55
CA PHE B 20 30.44 4.50 19.47
C PHE B 20 31.80 4.61 20.10
N LYS B 21 32.50 3.47 20.18
CA LYS B 21 33.80 3.40 20.82
C LYS B 21 34.74 2.58 19.96
N ASN B 22 36.00 3.08 19.81
CA ASN B 22 37.08 2.47 19.02
C ASN B 22 36.59 1.93 17.67
N GLY B 23 35.93 2.81 16.92
CA GLY B 23 35.44 2.54 15.57
C GLY B 23 34.20 1.70 15.40
N ARG B 24 33.45 1.40 16.48
CA ARG B 24 32.22 0.60 16.33
C ARG B 24 31.20 0.92 17.41
N VAL B 25 29.95 0.48 17.17
CA VAL B 25 28.88 0.65 18.15
C VAL B 25 29.03 -0.44 19.21
N GLU B 26 28.96 -0.02 20.46
CA GLU B 26 28.91 -0.88 21.63
C GLU B 26 27.57 -0.70 22.31
N ILE B 27 26.75 -1.78 22.39
CA ILE B 27 25.50 -1.80 23.14
C ILE B 27 25.91 -2.17 24.59
N ILE B 28 25.52 -1.34 25.56
CA ILE B 28 25.95 -1.50 26.94
C ILE B 28 24.99 -2.30 27.80
N ALA B 29 25.52 -3.32 28.51
CA ALA B 29 24.70 -4.13 29.42
C ALA B 29 24.57 -3.38 30.74
N ASN B 30 23.41 -3.51 31.38
CA ASN B 30 23.15 -2.86 32.66
C ASN B 30 23.80 -3.67 33.81
N ASP B 31 23.53 -3.32 35.08
CA ASP B 31 24.08 -3.98 36.27
C ASP B 31 23.59 -5.43 36.43
N GLN B 32 22.54 -5.82 35.70
CA GLN B 32 21.99 -7.18 35.74
C GLN B 32 22.46 -8.05 34.59
N GLY B 33 23.35 -7.50 33.76
CA GLY B 33 23.93 -8.18 32.61
C GLY B 33 23.04 -8.16 31.39
N ASN B 34 22.02 -7.27 31.38
CA ASN B 34 21.08 -7.16 30.27
C ASN B 34 21.37 -6.00 29.34
N ARG B 35 21.29 -6.28 28.03
CA ARG B 35 21.53 -5.27 27.00
C ARG B 35 20.30 -4.40 26.73
N ILE B 36 19.16 -4.74 27.37
CA ILE B 36 17.90 -3.99 27.39
C ILE B 36 17.46 -3.85 28.84
N THR B 37 16.87 -2.70 29.19
CA THR B 37 16.42 -2.36 30.54
C THR B 37 14.94 -2.05 30.50
N PRO B 38 14.10 -2.70 31.34
CA PRO B 38 12.67 -2.37 31.37
C PRO B 38 12.44 -0.90 31.73
N SER B 39 11.51 -0.24 31.02
CA SER B 39 11.15 1.16 31.24
C SER B 39 10.18 1.19 32.43
N TYR B 40 10.67 0.71 33.59
CA TYR B 40 9.91 0.54 34.84
C TYR B 40 10.54 1.25 35.99
N VAL B 41 9.69 1.76 36.87
CA VAL B 41 10.10 2.44 38.10
C VAL B 41 9.19 1.86 39.21
N ALA B 42 9.78 1.52 40.34
CA ALA B 42 9.06 1.05 41.51
C ALA B 42 9.76 1.61 42.75
N PHE B 43 9.20 1.33 43.94
CA PHE B 43 9.67 1.82 45.23
C PHE B 43 9.67 0.74 46.30
N THR B 44 10.76 0.65 47.08
CA THR B 44 10.92 -0.27 48.20
C THR B 44 10.16 0.29 49.41
N PRO B 45 9.86 -0.51 50.49
CA PRO B 45 9.14 0.04 51.65
C PRO B 45 9.85 1.22 52.33
N GLU B 46 11.19 1.23 52.27
CA GLU B 46 12.06 2.26 52.83
C GLU B 46 12.07 3.55 52.00
N GLY B 47 11.43 3.50 50.84
CA GLY B 47 11.31 4.64 49.96
C GLY B 47 12.41 4.75 48.93
N GLU B 48 13.17 3.67 48.72
CA GLU B 48 14.21 3.62 47.70
C GLU B 48 13.54 3.47 46.33
N ARG B 49 14.10 4.12 45.37
CA ARG B 49 13.62 4.12 44.02
C ARG B 49 14.29 3.01 43.25
N LEU B 50 13.49 2.11 42.68
CA LEU B 50 14.00 1.03 41.83
C LEU B 50 13.72 1.38 40.36
N ILE B 51 14.71 1.19 39.47
CA ILE B 51 14.54 1.50 38.05
C ILE B 51 15.04 0.29 37.26
N GLY B 52 14.26 -0.13 36.28
CA GLY B 52 14.66 -1.20 35.38
C GLY B 52 14.29 -2.59 35.85
N ASP B 53 15.23 -3.54 35.70
CA ASP B 53 15.03 -4.96 36.07
C ASP B 53 14.58 -5.12 37.55
N ALA B 54 15.23 -4.38 38.49
CA ALA B 54 14.85 -4.42 39.91
C ALA B 54 13.38 -3.98 40.11
N ALA B 55 12.93 -2.92 39.39
CA ALA B 55 11.56 -2.44 39.44
C ALA B 55 10.56 -3.42 38.85
N LYS B 56 10.86 -3.99 37.67
CA LYS B 56 9.98 -4.93 37.01
C LYS B 56 9.90 -6.27 37.74
N ASN B 57 11.03 -6.76 38.27
CA ASN B 57 11.10 -8.06 38.95
C ASN B 57 10.76 -8.04 40.44
N GLN B 58 10.50 -6.84 41.03
CA GLN B 58 10.18 -6.76 42.46
C GLN B 58 8.80 -7.35 42.68
N LEU B 59 8.73 -8.47 43.44
CA LEU B 59 7.47 -9.13 43.77
C LEU B 59 6.76 -8.23 44.76
N THR B 60 5.53 -7.84 44.44
CA THR B 60 4.71 -6.89 45.18
C THR B 60 3.26 -7.34 45.28
N SER B 61 2.55 -6.82 46.29
CA SER B 61 1.12 -7.05 46.52
C SER B 61 0.41 -5.73 46.19
N ASN B 62 1.22 -4.73 45.73
CA ASN B 62 0.77 -3.39 45.36
C ASN B 62 1.16 -3.01 43.90
N PRO B 63 0.49 -3.54 42.85
CA PRO B 63 0.83 -3.13 41.46
C PRO B 63 0.56 -1.64 41.15
N GLU B 64 -0.15 -0.95 42.05
CA GLU B 64 -0.49 0.46 41.89
C GLU B 64 0.71 1.34 42.21
N ASN B 65 1.74 0.80 42.86
CA ASN B 65 2.89 1.66 43.16
C ASN B 65 4.09 1.41 42.23
N THR B 66 3.84 0.71 41.10
CA THR B 66 4.86 0.43 40.07
C THR B 66 4.46 1.23 38.84
N VAL B 67 5.41 1.94 38.21
CA VAL B 67 5.14 2.79 37.03
C VAL B 67 5.84 2.24 35.80
N PHE B 68 5.10 2.16 34.71
CA PHE B 68 5.59 1.67 33.43
C PHE B 68 4.70 2.34 32.38
N ASP B 69 5.00 2.16 31.06
CA ASP B 69 4.17 2.70 29.96
C ASP B 69 3.98 4.22 30.01
N ALA B 70 4.94 4.95 30.61
CA ALA B 70 4.87 6.40 30.69
C ALA B 70 4.94 7.01 29.28
N LYS B 71 5.53 6.27 28.32
CA LYS B 71 5.64 6.63 26.91
C LYS B 71 4.26 6.84 26.26
N ARG B 72 3.22 6.15 26.77
CA ARG B 72 1.83 6.30 26.32
C ARG B 72 1.26 7.65 26.77
N LEU B 73 1.83 8.26 27.82
CA LEU B 73 1.34 9.53 28.39
C LEU B 73 2.18 10.75 28.11
N ILE B 74 3.48 10.56 27.84
CA ILE B 74 4.45 11.63 27.58
C ILE B 74 3.98 12.59 26.42
N GLY B 75 4.06 13.89 26.72
CA GLY B 75 3.72 14.98 25.82
C GLY B 75 2.26 15.09 25.46
N ARG B 76 1.39 14.48 26.27
CA ARG B 76 -0.04 14.48 26.04
C ARG B 76 -0.75 15.19 27.17
N THR B 77 -1.92 15.73 26.88
CA THR B 77 -2.74 16.41 27.88
C THR B 77 -3.59 15.36 28.60
N TRP B 78 -3.98 15.66 29.82
CA TRP B 78 -4.86 14.78 30.61
C TRP B 78 -6.11 14.35 29.83
N ASN B 79 -6.81 15.31 29.19
CA ASN B 79 -8.06 15.05 28.50
C ASN B 79 -7.92 14.47 27.09
N ASP B 80 -6.69 14.26 26.62
CA ASP B 80 -6.41 13.63 25.32
C ASP B 80 -7.19 12.28 25.33
N PRO B 81 -8.11 12.03 24.35
CA PRO B 81 -8.86 10.74 24.34
C PRO B 81 -8.00 9.48 24.40
N SER B 82 -6.76 9.56 23.90
CA SER B 82 -5.81 8.43 23.95
C SER B 82 -5.42 8.14 25.41
N VAL B 83 -5.17 9.20 26.22
CA VAL B 83 -4.81 9.10 27.63
C VAL B 83 -5.99 8.55 28.43
N GLN B 84 -7.21 9.06 28.15
CA GLN B 84 -8.42 8.63 28.83
C GLN B 84 -8.70 7.14 28.63
N GLN B 85 -8.42 6.63 27.43
CA GLN B 85 -8.54 5.21 27.10
C GLN B 85 -7.42 4.41 27.83
N ASP B 86 -6.15 4.87 27.73
CA ASP B 86 -4.96 4.22 28.32
C ASP B 86 -5.00 4.00 29.80
N ILE B 87 -5.41 5.02 30.56
CA ILE B 87 -5.43 4.97 32.02
C ILE B 87 -6.43 3.90 32.56
N LYS B 88 -7.40 3.45 31.72
CA LYS B 88 -8.35 2.39 32.08
C LYS B 88 -7.62 1.07 32.34
N PHE B 89 -6.51 0.85 31.61
CA PHE B 89 -5.69 -0.36 31.63
C PHE B 89 -4.40 -0.26 32.46
N LEU B 90 -4.15 0.92 33.08
CA LEU B 90 -2.96 1.09 33.90
C LEU B 90 -3.29 0.88 35.37
N PRO B 91 -2.45 0.11 36.14
CA PRO B 91 -2.81 -0.19 37.55
C PRO B 91 -2.51 0.92 38.53
N PHE B 92 -1.59 1.85 38.17
CA PHE B 92 -1.22 3.00 39.00
C PHE B 92 -2.20 4.15 38.71
N LYS B 93 -2.33 5.08 39.67
CA LYS B 93 -3.21 6.25 39.56
C LYS B 93 -2.59 7.30 38.64
N VAL B 94 -3.44 7.91 37.83
CA VAL B 94 -3.10 8.98 36.92
C VAL B 94 -4.10 10.09 37.23
N VAL B 95 -3.59 11.29 37.54
CA VAL B 95 -4.42 12.43 37.92
C VAL B 95 -4.15 13.63 37.00
N GLU B 96 -5.14 14.53 36.86
CA GLU B 96 -4.92 15.75 36.11
C GLU B 96 -4.16 16.73 37.00
N LYS B 97 -3.00 17.17 36.53
CA LYS B 97 -2.21 18.19 37.20
C LYS B 97 -1.56 19.02 36.10
N LYS B 98 -1.74 20.36 36.16
CA LYS B 98 -1.20 21.33 35.20
C LYS B 98 -1.50 20.92 33.76
N THR B 99 -2.77 20.46 33.52
CA THR B 99 -3.36 20.01 32.23
C THR B 99 -2.84 18.65 31.78
N LYS B 100 -1.91 18.06 32.54
CA LYS B 100 -1.23 16.82 32.17
C LYS B 100 -1.64 15.60 32.98
N PRO B 101 -1.44 14.38 32.41
CA PRO B 101 -1.71 13.16 33.20
C PRO B 101 -0.50 12.86 34.10
N TYR B 102 -0.55 13.27 35.37
CA TYR B 102 0.54 12.98 36.31
C TYR B 102 0.30 11.62 36.94
N ILE B 103 1.37 10.89 37.21
CA ILE B 103 1.29 9.58 37.83
C ILE B 103 1.36 9.79 39.34
N GLN B 104 0.42 9.20 40.05
CA GLN B 104 0.38 9.32 41.50
C GLN B 104 0.70 7.97 42.12
N VAL B 105 1.75 7.90 42.94
CA VAL B 105 2.14 6.65 43.61
C VAL B 105 2.49 6.87 45.09
N ASP B 106 2.43 5.78 45.89
CA ASP B 106 2.86 5.80 47.27
C ASP B 106 4.23 5.19 47.18
N ILE B 107 5.24 5.99 47.53
CA ILE B 107 6.67 5.69 47.39
C ILE B 107 7.30 5.02 48.63
N GLY B 108 6.55 4.97 49.72
CA GLY B 108 7.02 4.38 50.96
C GLY B 108 6.68 5.27 52.13
N GLY B 109 6.32 4.61 53.23
CA GLY B 109 5.95 5.27 54.49
C GLY B 109 4.70 6.11 54.39
N GLY B 110 3.82 5.73 53.46
CA GLY B 110 2.57 6.44 53.14
C GLY B 110 2.73 7.71 52.32
N GLN B 111 3.98 8.12 51.96
CA GLN B 111 4.29 9.32 51.16
C GLN B 111 3.75 9.22 49.74
N THR B 112 2.79 10.06 49.40
CA THR B 112 2.18 10.13 48.09
C THR B 112 3.00 11.13 47.27
N LYS B 113 3.34 10.77 46.02
CA LYS B 113 4.07 11.65 45.11
C LYS B 113 3.40 11.66 43.77
N THR B 114 3.48 12.80 43.08
CA THR B 114 2.98 12.90 41.71
C THR B 114 4.12 13.21 40.78
N PHE B 115 4.13 12.52 39.66
CA PHE B 115 5.19 12.70 38.68
C PHE B 115 4.61 12.93 37.33
N ALA B 116 5.17 13.92 36.61
CA ALA B 116 4.80 14.16 35.22
C ALA B 116 5.33 12.95 34.41
N PRO B 117 4.69 12.52 33.30
CA PRO B 117 5.25 11.39 32.53
C PRO B 117 6.74 11.58 32.17
N GLU B 118 7.17 12.83 31.88
CA GLU B 118 8.59 13.12 31.57
C GLU B 118 9.50 12.91 32.80
N GLU B 119 8.95 13.00 34.04
CA GLU B 119 9.72 12.74 35.26
C GLU B 119 9.95 11.24 35.40
N ILE B 120 8.96 10.41 35.03
CA ILE B 120 9.14 8.96 35.04
C ILE B 120 10.17 8.55 33.98
N SER B 121 10.04 9.10 32.75
CA SER B 121 10.96 8.84 31.63
C SER B 121 12.35 9.31 31.95
N ALA B 122 12.45 10.39 32.75
CA ALA B 122 13.74 10.93 33.23
C ALA B 122 14.43 9.93 34.14
N MET B 123 13.65 9.19 34.94
CA MET B 123 14.21 8.16 35.82
C MET B 123 14.75 7.00 34.98
N VAL B 124 14.03 6.59 33.91
CA VAL B 124 14.49 5.56 32.98
C VAL B 124 15.76 6.05 32.27
N LEU B 125 15.76 7.30 31.77
CA LEU B 125 16.93 7.90 31.13
C LEU B 125 18.14 7.99 32.06
N THR B 126 17.92 8.27 33.36
CA THR B 126 18.96 8.34 34.41
C THR B 126 19.59 6.96 34.54
N LYS B 127 18.77 5.90 34.57
CA LYS B 127 19.28 4.52 34.65
C LYS B 127 20.12 4.21 33.41
N MET B 128 19.67 4.65 32.21
CA MET B 128 20.44 4.40 30.98
C MET B 128 21.78 5.15 31.03
N LYS B 129 21.77 6.37 31.56
CA LYS B 129 22.93 7.26 31.71
C LYS B 129 23.97 6.61 32.67
N GLU B 130 23.52 6.04 33.79
CA GLU B 130 24.34 5.34 34.78
C GLU B 130 24.98 4.08 34.17
N THR B 131 24.18 3.30 33.41
CA THR B 131 24.61 2.10 32.67
C THR B 131 25.77 2.49 31.73
N ALA B 132 25.64 3.59 30.96
CA ALA B 132 26.68 4.05 30.04
C ALA B 132 27.89 4.56 30.82
N GLU B 133 27.66 5.36 31.88
CA GLU B 133 28.72 5.91 32.73
C GLU B 133 29.56 4.83 33.41
N ALA B 134 28.93 3.72 33.90
CA ALA B 134 29.63 2.56 34.48
C ALA B 134 30.54 1.93 33.42
N TYR B 135 30.03 1.83 32.20
CA TYR B 135 30.75 1.26 31.07
C TYR B 135 31.94 2.12 30.63
N LEU B 136 31.71 3.43 30.50
CA LEU B 136 32.71 4.35 30.00
C LEU B 136 33.74 4.75 31.05
N GLY B 137 33.36 4.67 32.32
CA GLY B 137 34.23 5.06 33.42
C GLY B 137 34.28 6.58 33.58
N LYS B 138 33.33 7.28 32.95
CA LYS B 138 33.25 8.73 33.00
C LYS B 138 31.79 9.20 32.89
N LYS B 139 31.56 10.47 33.19
CA LYS B 139 30.27 11.13 33.14
C LYS B 139 29.78 11.33 31.69
N VAL B 140 28.48 11.16 31.51
CA VAL B 140 27.80 11.36 30.23
C VAL B 140 26.90 12.59 30.39
N THR B 141 26.99 13.54 29.46
CA THR B 141 26.18 14.76 29.54
C THR B 141 25.26 14.95 28.33
N HIS B 142 25.56 14.28 27.22
CA HIS B 142 24.83 14.46 25.96
C HIS B 142 24.33 13.15 25.40
N ALA B 143 23.21 13.21 24.70
CA ALA B 143 22.55 12.03 24.14
C ALA B 143 21.79 12.30 22.86
N VAL B 144 21.60 11.23 22.09
CA VAL B 144 20.72 11.19 20.92
C VAL B 144 19.61 10.26 21.43
N VAL B 145 18.36 10.72 21.41
CA VAL B 145 17.21 9.94 21.87
C VAL B 145 16.23 9.74 20.72
N THR B 146 15.78 8.49 20.54
CA THR B 146 14.83 8.14 19.51
C THR B 146 13.39 8.24 20.06
N VAL B 147 12.44 8.45 19.14
CA VAL B 147 11.01 8.55 19.41
C VAL B 147 10.29 7.88 18.24
N PRO B 148 9.06 7.37 18.41
CA PRO B 148 8.32 6.86 17.24
C PRO B 148 8.12 7.98 16.19
N ALA B 149 8.07 7.61 14.89
CA ALA B 149 7.87 8.55 13.76
C ALA B 149 6.60 9.38 13.90
N TYR B 150 5.56 8.80 14.54
CA TYR B 150 4.28 9.49 14.74
C TYR B 150 4.33 10.54 15.90
N PHE B 151 5.41 10.56 16.71
CA PHE B 151 5.49 11.55 17.79
C PHE B 151 5.33 12.97 17.28
N ASN B 152 4.47 13.75 17.94
CA ASN B 152 4.22 15.16 17.55
C ASN B 152 5.20 16.10 18.28
N ASP B 153 5.03 17.43 18.15
CA ASP B 153 5.89 18.43 18.78
C ASP B 153 5.92 18.34 20.29
N ALA B 154 4.75 18.22 20.94
CA ALA B 154 4.69 18.14 22.39
C ALA B 154 5.36 16.85 22.90
N GLN B 155 5.15 15.72 22.20
CA GLN B 155 5.78 14.44 22.58
C GLN B 155 7.33 14.47 22.45
N ARG B 156 7.84 15.12 21.39
CA ARG B 156 9.29 15.27 21.15
C ARG B 156 9.92 16.23 22.18
N GLN B 157 9.23 17.34 22.51
CA GLN B 157 9.74 18.30 23.50
C GLN B 157 9.74 17.65 24.90
N ALA B 158 8.67 16.90 25.25
CA ALA B 158 8.56 16.25 26.55
C ALA B 158 9.66 15.17 26.72
N THR B 159 10.07 14.50 25.61
CA THR B 159 11.18 13.53 25.59
C THR B 159 12.51 14.26 25.86
N LYS B 160 12.68 15.48 25.27
CA LYS B 160 13.88 16.30 25.47
C LYS B 160 13.94 16.78 26.91
N ASP B 161 12.77 17.18 27.46
CA ASP B 161 12.58 17.60 28.85
C ASP B 161 12.92 16.47 29.84
N ALA B 162 12.50 15.22 29.52
CA ALA B 162 12.84 14.02 30.33
C ALA B 162 14.37 13.90 30.40
N GLY B 163 15.02 14.18 29.28
CA GLY B 163 16.47 14.18 29.17
C GLY B 163 17.09 15.22 30.06
N THR B 164 16.56 16.46 30.04
CA THR B 164 17.06 17.58 30.86
C THR B 164 17.03 17.21 32.35
N ILE B 165 15.89 16.70 32.84
CA ILE B 165 15.71 16.25 34.24
C ILE B 165 16.77 15.17 34.57
N ALA B 166 17.03 14.26 33.62
CA ALA B 166 18.04 13.21 33.77
C ALA B 166 19.50 13.72 33.65
N GLY B 167 19.70 15.01 33.38
CA GLY B 167 21.05 15.57 33.22
C GLY B 167 21.64 15.26 31.85
N LEU B 168 20.77 15.00 30.87
CA LEU B 168 21.21 14.71 29.51
C LEU B 168 20.80 15.84 28.60
N ASN B 169 21.74 16.36 27.85
CA ASN B 169 21.43 17.37 26.86
C ASN B 169 21.09 16.52 25.62
N VAL B 170 19.81 16.41 25.29
CA VAL B 170 19.37 15.65 24.12
C VAL B 170 19.61 16.53 22.91
N MET B 171 20.73 16.28 22.22
CA MET B 171 21.21 17.03 21.06
C MET B 171 20.33 16.82 19.84
N ARG B 172 19.80 15.60 19.67
CA ARG B 172 18.95 15.23 18.56
C ARG B 172 17.90 14.28 18.99
N ILE B 173 16.69 14.51 18.52
CA ILE B 173 15.56 13.59 18.69
C ILE B 173 15.42 12.97 17.30
N ILE B 174 15.54 11.64 17.19
CA ILE B 174 15.47 10.99 15.88
C ILE B 174 14.36 9.95 15.83
N ASN B 175 13.79 9.70 14.65
CA ASN B 175 12.73 8.67 14.54
C ASN B 175 13.30 7.27 14.70
N GLU B 176 12.62 6.44 15.51
CA GLU B 176 12.97 5.03 15.74
C GLU B 176 13.13 4.24 14.43
N PRO B 177 12.19 4.31 13.43
CA PRO B 177 12.41 3.53 12.20
C PRO B 177 13.61 4.00 11.39
N THR B 178 13.94 5.30 11.46
CA THR B 178 15.12 5.86 10.77
C THR B 178 16.38 5.32 11.44
N ALA B 179 16.41 5.33 12.79
CA ALA B 179 17.51 4.79 13.62
C ALA B 179 17.77 3.32 13.22
N ALA B 180 16.71 2.48 13.16
CA ALA B 180 16.81 1.08 12.74
C ALA B 180 17.44 0.93 11.31
N ALA B 181 17.03 1.77 10.37
CA ALA B 181 17.55 1.77 9.01
C ALA B 181 19.05 2.12 8.96
N ILE B 182 19.49 3.11 9.77
CA ILE B 182 20.89 3.56 9.92
C ILE B 182 21.72 2.40 10.48
N ALA B 183 21.16 1.69 11.51
CA ALA B 183 21.78 0.51 12.11
C ALA B 183 22.16 -0.52 11.04
N TYR B 184 21.29 -0.72 10.03
CA TYR B 184 21.52 -1.63 8.92
C TYR B 184 22.32 -1.05 7.75
N GLY B 185 22.85 0.15 7.91
CA GLY B 185 23.62 0.83 6.87
C GLY B 185 22.81 1.14 5.61
N LEU B 186 21.49 1.28 5.76
CA LEU B 186 20.63 1.55 4.62
C LEU B 186 20.74 2.98 4.14
N ASP B 187 21.37 3.85 4.97
CA ASP B 187 21.63 5.25 4.63
C ASP B 187 22.67 5.30 3.49
N LYS B 188 23.59 4.30 3.48
CA LYS B 188 24.65 4.02 2.50
C LYS B 188 24.11 3.65 1.10
N ARG B 189 22.84 3.15 1.02
CA ARG B 189 22.20 2.76 -0.25
C ARG B 189 22.13 3.95 -1.22
N GLU B 190 22.41 3.68 -2.51
CA GLU B 190 22.36 4.68 -3.57
C GLU B 190 21.06 4.56 -4.37
N GLY B 191 20.53 5.71 -4.76
CA GLY B 191 19.29 5.82 -5.51
C GLY B 191 18.09 5.88 -4.59
N GLU B 192 16.89 5.77 -5.15
CA GLU B 192 15.66 5.79 -4.36
C GLU B 192 15.32 4.39 -3.90
N LYS B 193 15.14 4.21 -2.58
CA LYS B 193 14.74 2.92 -2.03
C LYS B 193 13.60 3.11 -1.06
N ASN B 194 12.65 2.14 -1.07
CA ASN B 194 11.51 2.11 -0.16
C ASN B 194 11.80 1.09 0.93
N ILE B 195 11.77 1.56 2.20
CA ILE B 195 12.06 0.72 3.36
C ILE B 195 10.82 0.54 4.18
N LEU B 196 10.48 -0.72 4.42
CA LEU B 196 9.38 -1.08 5.30
C LEU B 196 10.00 -1.47 6.65
N VAL B 197 9.68 -0.71 7.70
CA VAL B 197 10.18 -1.00 9.05
C VAL B 197 9.00 -1.61 9.80
N PHE B 198 9.14 -2.86 10.24
CA PHE B 198 8.11 -3.63 10.94
C PHE B 198 8.63 -3.73 12.38
N ASP B 199 8.06 -2.92 13.27
CA ASP B 199 8.52 -2.81 14.65
C ASP B 199 7.52 -3.34 15.66
N LEU B 200 7.74 -4.57 16.11
CA LEU B 200 6.87 -5.23 17.07
C LEU B 200 7.63 -5.25 18.40
N GLY B 201 7.33 -4.26 19.25
CA GLY B 201 7.94 -4.08 20.56
C GLY B 201 7.21 -4.85 21.63
N GLY B 202 7.47 -4.49 22.88
CA GLY B 202 6.86 -5.15 24.03
C GLY B 202 5.40 -4.82 24.23
N GLY B 203 5.02 -3.61 23.84
CA GLY B 203 3.63 -3.20 24.00
C GLY B 203 2.99 -2.52 22.83
N THR B 204 3.78 -2.21 21.80
CA THR B 204 3.36 -1.46 20.63
C THR B 204 3.80 -2.13 19.34
N PHE B 205 3.03 -1.88 18.29
CA PHE B 205 3.32 -2.37 16.96
C PHE B 205 3.34 -1.19 16.01
N ASP B 206 4.50 -0.90 15.45
CA ASP B 206 4.66 0.24 14.55
C ASP B 206 5.15 -0.19 13.17
N VAL B 207 4.46 0.24 12.11
CA VAL B 207 4.86 -0.02 10.73
C VAL B 207 5.15 1.33 10.12
N SER B 208 6.32 1.49 9.52
CA SER B 208 6.70 2.75 8.92
C SER B 208 7.24 2.52 7.53
N LEU B 209 6.75 3.33 6.58
CA LEU B 209 7.26 3.29 5.22
C LEU B 209 8.21 4.47 5.10
N LEU B 210 9.49 4.20 4.88
CA LEU B 210 10.48 5.26 4.69
C LEU B 210 11.04 5.21 3.28
N THR B 211 11.46 6.37 2.79
CA THR B 211 12.16 6.45 1.53
C THR B 211 13.56 6.95 1.83
N ILE B 212 14.54 6.35 1.19
CA ILE B 212 15.93 6.77 1.27
C ILE B 212 16.31 7.26 -0.14
N ASP B 213 16.78 8.50 -0.22
CA ASP B 213 17.19 9.11 -1.48
C ASP B 213 18.39 9.99 -1.25
N ASN B 214 19.52 9.63 -1.87
CA ASN B 214 20.80 10.33 -1.78
C ASN B 214 21.24 10.49 -0.29
N GLY B 215 21.04 9.42 0.51
CA GLY B 215 21.35 9.37 1.94
C GLY B 215 20.37 10.09 2.86
N VAL B 216 19.26 10.64 2.32
CA VAL B 216 18.23 11.36 3.08
C VAL B 216 16.96 10.50 3.27
N PHE B 217 16.52 10.35 4.53
CA PHE B 217 15.35 9.57 4.91
C PHE B 217 14.13 10.44 4.99
N GLU B 218 12.99 9.91 4.55
CA GLU B 218 11.71 10.57 4.64
C GLU B 218 10.70 9.52 5.11
N VAL B 219 9.91 9.85 6.15
CA VAL B 219 8.85 8.97 6.64
C VAL B 219 7.62 9.28 5.78
N VAL B 220 7.21 8.34 4.93
CA VAL B 220 6.08 8.50 4.01
C VAL B 220 4.75 8.20 4.67
N ALA B 221 4.64 7.04 5.35
CA ALA B 221 3.41 6.64 6.04
C ALA B 221 3.72 5.80 7.26
N THR B 222 2.87 5.91 8.28
CA THR B 222 2.95 5.14 9.52
C THR B 222 1.59 4.50 9.83
N ASN B 223 1.63 3.31 10.43
CA ASN B 223 0.46 2.57 10.91
C ASN B 223 0.90 1.61 12.03
N GLY B 224 0.01 0.72 12.43
CA GLY B 224 0.30 -0.26 13.46
C GLY B 224 -0.82 -0.36 14.44
N ASP B 225 -0.52 -0.84 15.63
CA ASP B 225 -1.48 -1.02 16.69
C ASP B 225 -0.77 -0.68 17.98
N THR B 226 -1.22 0.39 18.63
CA THR B 226 -0.66 0.90 19.89
C THR B 226 -0.80 -0.08 21.06
N HIS B 227 -1.69 -1.08 20.95
CA HIS B 227 -1.95 -2.03 22.03
C HIS B 227 -1.70 -3.46 21.61
N LEU B 228 -0.63 -3.68 20.85
CA LEU B 228 -0.22 -4.99 20.41
C LEU B 228 1.30 -5.10 20.55
N GLY B 229 1.77 -6.07 21.32
CA GLY B 229 3.19 -6.30 21.50
C GLY B 229 3.50 -7.62 22.18
N GLY B 230 4.77 -7.86 22.46
CA GLY B 230 5.27 -9.07 23.11
C GLY B 230 4.57 -9.44 24.41
N GLU B 231 4.20 -8.42 25.21
CA GLU B 231 3.48 -8.61 26.48
C GLU B 231 2.11 -9.25 26.28
N ASP B 232 1.46 -9.00 25.11
CA ASP B 232 0.15 -9.56 24.79
C ASP B 232 0.28 -11.04 24.52
N PHE B 233 1.43 -11.44 23.97
CA PHE B 233 1.73 -12.84 23.68
C PHE B 233 1.97 -13.56 24.99
N ASP B 234 2.61 -12.89 25.97
CA ASP B 234 2.83 -13.41 27.33
C ASP B 234 1.48 -13.64 28.00
N GLN B 235 0.60 -12.63 27.95
CA GLN B 235 -0.74 -12.64 28.56
C GLN B 235 -1.62 -13.80 28.04
N ARG B 236 -1.49 -14.17 26.76
CA ARG B 236 -2.24 -15.29 26.16
C ARG B 236 -1.77 -16.61 26.72
N VAL B 237 -0.45 -16.72 27.00
CA VAL B 237 0.18 -17.89 27.60
C VAL B 237 -0.19 -17.93 29.09
N MET B 238 -0.19 -16.77 29.78
CA MET B 238 -0.57 -16.60 31.20
C MET B 238 -1.97 -17.17 31.40
N GLU B 239 -2.94 -16.68 30.58
CA GLU B 239 -4.33 -17.11 30.55
C GLU B 239 -4.44 -18.61 30.38
N HIS B 240 -3.69 -19.18 29.43
CA HIS B 240 -3.65 -20.62 29.15
C HIS B 240 -3.22 -21.44 30.37
N PHE B 241 -2.20 -20.99 31.12
CA PHE B 241 -1.71 -21.70 32.30
C PHE B 241 -2.58 -21.48 33.52
N ILE B 242 -3.13 -20.25 33.69
CA ILE B 242 -4.04 -19.94 34.80
C ILE B 242 -5.32 -20.78 34.65
N LYS B 243 -5.87 -20.92 33.41
CA LYS B 243 -7.07 -21.76 33.17
C LYS B 243 -6.76 -23.26 33.36
N LEU B 244 -5.56 -23.71 32.91
CA LEU B 244 -5.10 -25.10 33.06
C LEU B 244 -4.91 -25.48 34.55
N TYR B 245 -4.31 -24.56 35.35
CA TYR B 245 -4.05 -24.75 36.78
C TYR B 245 -5.38 -24.87 37.54
N LYS B 246 -6.37 -24.03 37.18
CA LYS B 246 -7.73 -24.02 37.72
C LYS B 246 -8.46 -25.32 37.36
N LYS B 247 -8.16 -25.88 36.19
CA LYS B 247 -8.74 -27.12 35.73
C LYS B 247 -8.20 -28.34 36.51
N LYS B 248 -6.87 -28.41 36.79
CA LYS B 248 -6.33 -29.58 37.51
C LYS B 248 -6.10 -29.41 39.06
N THR B 249 -6.27 -28.20 39.64
CA THR B 249 -6.15 -28.02 41.09
C THR B 249 -7.41 -27.38 41.72
N GLY B 250 -8.27 -26.79 40.90
CA GLY B 250 -9.47 -26.08 41.37
C GLY B 250 -9.16 -24.72 41.97
N LYS B 251 -7.88 -24.27 41.86
CA LYS B 251 -7.38 -23.01 42.44
C LYS B 251 -7.36 -21.85 41.44
N ASP B 252 -7.53 -20.62 41.94
CA ASP B 252 -7.50 -19.39 41.16
C ASP B 252 -6.20 -18.66 41.51
N VAL B 253 -5.18 -18.80 40.64
CA VAL B 253 -3.83 -18.22 40.73
C VAL B 253 -3.85 -16.71 41.00
N ARG B 254 -4.75 -15.95 40.30
CA ARG B 254 -4.83 -14.49 40.38
C ARG B 254 -5.17 -13.96 41.78
N LYS B 255 -5.63 -14.82 42.73
CA LYS B 255 -5.90 -14.45 44.13
C LYS B 255 -4.57 -14.05 44.81
N ASP B 256 -3.45 -14.62 44.32
CA ASP B 256 -2.08 -14.35 44.77
C ASP B 256 -1.32 -13.63 43.63
N ASN B 257 -1.10 -12.32 43.81
CA ASN B 257 -0.42 -11.45 42.83
C ASN B 257 1.05 -11.85 42.65
N ARG B 258 1.68 -12.32 43.72
CA ARG B 258 3.08 -12.73 43.63
C ARG B 258 3.21 -14.05 42.87
N ALA B 259 2.19 -14.95 42.95
CA ALA B 259 2.18 -16.20 42.16
C ALA B 259 2.05 -15.83 40.67
N VAL B 260 1.27 -14.75 40.35
CA VAL B 260 1.05 -14.25 38.99
C VAL B 260 2.37 -13.76 38.40
N GLN B 261 3.07 -12.88 39.14
CA GLN B 261 4.34 -12.27 38.77
C GLN B 261 5.43 -13.30 38.47
N LYS B 262 5.54 -14.36 39.32
CA LYS B 262 6.47 -15.46 39.19
C LYS B 262 6.16 -16.22 37.89
N LEU B 263 4.86 -16.46 37.60
CA LEU B 263 4.45 -17.14 36.38
C LEU B 263 4.73 -16.26 35.15
N ARG B 264 4.49 -14.91 35.26
CA ARG B 264 4.75 -13.98 34.18
C ARG B 264 6.21 -13.98 33.80
N ARG B 265 7.11 -13.95 34.83
CA ARG B 265 8.55 -13.95 34.61
C ARG B 265 9.01 -15.24 33.89
N GLU B 266 8.50 -16.41 34.31
CA GLU B 266 8.82 -17.72 33.69
C GLU B 266 8.20 -17.88 32.30
N VAL B 267 6.96 -17.38 32.08
CA VAL B 267 6.25 -17.41 30.79
C VAL B 267 7.05 -16.61 29.73
N GLU B 268 7.56 -15.44 30.14
CA GLU B 268 8.35 -14.55 29.33
C GLU B 268 9.66 -15.25 28.82
N LYS B 269 10.35 -15.93 29.74
CA LYS B 269 11.57 -16.74 29.51
C LYS B 269 11.24 -17.93 28.59
N ALA B 270 10.11 -18.60 28.82
CA ALA B 270 9.65 -19.71 27.98
C ALA B 270 9.37 -19.24 26.54
N LYS B 271 8.69 -18.06 26.39
CA LYS B 271 8.37 -17.46 25.11
C LYS B 271 9.63 -17.21 24.27
N ARG B 272 10.66 -16.58 24.89
CA ARG B 272 11.93 -16.29 24.26
C ARG B 272 12.61 -17.58 23.81
N ALA B 273 12.59 -18.62 24.67
CA ALA B 273 13.18 -19.93 24.38
C ALA B 273 12.53 -20.59 23.18
N LEU B 274 11.20 -20.42 23.03
CA LEU B 274 10.40 -20.98 21.91
C LEU B 274 10.71 -20.36 20.52
N SER B 275 11.57 -19.32 20.48
CA SER B 275 11.99 -18.71 19.23
C SER B 275 13.11 -19.54 18.59
N SER B 276 13.80 -20.35 19.42
CA SER B 276 14.90 -21.23 19.03
C SER B 276 14.60 -22.72 19.29
N GLN B 277 13.95 -23.06 20.43
CA GLN B 277 13.57 -24.44 20.81
C GLN B 277 12.12 -24.71 20.42
N HIS B 278 11.73 -26.00 20.27
CA HIS B 278 10.35 -26.33 19.91
C HIS B 278 9.44 -26.56 21.13
N GLN B 279 10.03 -26.57 22.34
CA GLN B 279 9.31 -26.67 23.60
C GLN B 279 10.12 -26.07 24.76
N ALA B 280 9.40 -25.52 25.74
CA ALA B 280 10.01 -24.95 26.94
C ALA B 280 9.26 -25.44 28.15
N ARG B 281 9.96 -25.59 29.28
CA ARG B 281 9.42 -26.04 30.54
C ARG B 281 9.42 -24.89 31.55
N ILE B 282 8.28 -24.70 32.21
CA ILE B 282 8.07 -23.68 33.24
C ILE B 282 7.96 -24.42 34.57
N GLU B 283 8.85 -24.08 35.51
CA GLU B 283 8.88 -24.69 36.84
C GLU B 283 9.00 -23.64 37.95
N ILE B 284 7.97 -23.59 38.84
CA ILE B 284 7.93 -22.66 39.99
C ILE B 284 7.74 -23.43 41.29
N GLU B 285 8.74 -23.34 42.17
CA GLU B 285 8.73 -23.95 43.50
C GLU B 285 7.84 -23.09 44.42
N SER B 286 6.95 -23.73 45.20
CA SER B 286 6.01 -23.10 46.15
C SER B 286 5.24 -21.98 45.43
N PHE B 287 4.67 -22.35 44.26
CA PHE B 287 3.94 -21.46 43.36
C PHE B 287 2.67 -20.87 44.02
N TYR B 288 1.71 -21.75 44.34
CA TYR B 288 0.43 -21.37 44.92
C TYR B 288 0.11 -22.29 46.09
N GLU B 289 -0.03 -21.71 47.30
CA GLU B 289 -0.35 -22.42 48.54
C GLU B 289 0.65 -23.57 48.82
N GLY B 290 1.94 -23.25 48.64
CA GLY B 290 3.05 -24.17 48.84
C GLY B 290 3.24 -25.23 47.78
N GLU B 291 2.28 -25.37 46.83
CA GLU B 291 2.37 -26.36 45.77
C GLU B 291 3.24 -25.86 44.62
N ASP B 292 4.02 -26.76 44.01
CA ASP B 292 4.90 -26.43 42.89
C ASP B 292 4.20 -26.53 41.54
N PHE B 293 4.59 -25.66 40.60
CA PHE B 293 4.09 -25.61 39.23
C PHE B 293 5.16 -26.20 38.30
N SER B 294 4.76 -27.14 37.46
CA SER B 294 5.61 -27.74 36.46
C SER B 294 4.77 -27.99 35.21
N GLU B 295 4.99 -27.19 34.16
CA GLU B 295 4.25 -27.32 32.91
C GLU B 295 5.17 -27.07 31.72
N THR B 296 4.78 -27.60 30.56
CA THR B 296 5.53 -27.39 29.34
C THR B 296 4.67 -26.65 28.30
N LEU B 297 5.34 -25.96 27.40
CA LEU B 297 4.70 -25.24 26.31
C LEU B 297 5.44 -25.57 25.02
N THR B 298 4.69 -25.92 23.98
CA THR B 298 5.30 -26.19 22.67
C THR B 298 5.18 -24.89 21.86
N ARG B 299 6.00 -24.75 20.80
CA ARG B 299 5.93 -23.64 19.88
C ARG B 299 4.55 -23.65 19.19
N ALA B 300 4.04 -24.86 18.81
CA ALA B 300 2.72 -25.03 18.18
C ALA B 300 1.58 -24.49 19.04
N LYS B 301 1.56 -24.79 20.38
CA LYS B 301 0.52 -24.29 21.28
C LYS B 301 0.62 -22.76 21.44
N PHE B 302 1.84 -22.25 21.62
CA PHE B 302 2.15 -20.81 21.70
C PHE B 302 1.60 -20.07 20.46
N GLU B 303 1.90 -20.59 19.24
CA GLU B 303 1.46 -20.04 17.96
C GLU B 303 -0.04 -20.07 17.86
N GLU B 304 -0.67 -21.17 18.28
CA GLU B 304 -2.12 -21.34 18.29
C GLU B 304 -2.78 -20.32 19.22
N LEU B 305 -2.20 -20.11 20.42
CA LEU B 305 -2.73 -19.15 21.40
C LEU B 305 -2.66 -17.70 20.92
N ASN B 306 -1.70 -17.40 20.02
CA ASN B 306 -1.40 -16.07 19.51
C ASN B 306 -1.63 -15.84 18.01
N MET B 307 -2.23 -16.82 17.30
CA MET B 307 -2.41 -16.77 15.85
C MET B 307 -3.16 -15.54 15.35
N ASP B 308 -4.32 -15.20 15.94
CA ASP B 308 -5.07 -14.00 15.58
C ASP B 308 -4.23 -12.73 15.74
N LEU B 309 -3.45 -12.63 16.85
CA LEU B 309 -2.58 -11.51 17.17
C LEU B 309 -1.44 -11.41 16.16
N PHE B 310 -0.81 -12.55 15.83
CA PHE B 310 0.27 -12.61 14.86
C PHE B 310 -0.26 -12.18 13.47
N ARG B 311 -1.41 -12.75 13.02
CA ARG B 311 -2.03 -12.42 11.73
C ARG B 311 -2.48 -10.96 11.62
N SER B 312 -2.90 -10.35 12.75
CA SER B 312 -3.36 -8.97 12.79
C SER B 312 -2.27 -7.94 12.38
N THR B 313 -0.98 -8.33 12.49
CA THR B 313 0.16 -7.46 12.16
C THR B 313 0.23 -7.10 10.64
N MET B 314 -0.37 -7.94 9.77
CA MET B 314 -0.35 -7.76 8.31
C MET B 314 -1.27 -6.64 7.81
N LYS B 315 -2.39 -6.36 8.53
CA LYS B 315 -3.35 -5.29 8.19
C LYS B 315 -2.70 -3.88 8.15
N PRO B 316 -1.94 -3.42 9.19
CA PRO B 316 -1.30 -2.10 9.09
C PRO B 316 -0.23 -2.02 8.00
N VAL B 317 0.41 -3.16 7.64
CA VAL B 317 1.43 -3.23 6.59
C VAL B 317 0.76 -2.93 5.25
N GLN B 318 -0.37 -3.60 4.98
CA GLN B 318 -1.17 -3.40 3.76
C GLN B 318 -1.68 -1.96 3.72
N LYS B 319 -2.07 -1.40 4.88
CA LYS B 319 -2.54 -0.03 4.96
C LYS B 319 -1.45 1.00 4.62
N VAL B 320 -0.19 0.85 5.16
CA VAL B 320 0.93 1.78 4.86
C VAL B 320 1.26 1.77 3.37
N LEU B 321 1.17 0.60 2.70
CA LEU B 321 1.46 0.46 1.27
C LEU B 321 0.48 1.27 0.42
N GLU B 322 -0.81 1.24 0.79
CA GLU B 322 -1.88 2.00 0.12
C GLU B 322 -1.68 3.52 0.33
N ASP B 323 -1.40 3.94 1.58
CA ASP B 323 -1.16 5.34 1.97
C ASP B 323 0.14 5.92 1.39
N SER B 324 1.00 5.06 0.80
CA SER B 324 2.28 5.39 0.19
C SER B 324 2.21 5.20 -1.34
N ASP B 325 1.04 4.75 -1.85
CA ASP B 325 0.76 4.45 -3.27
C ASP B 325 1.80 3.47 -3.84
N LEU B 326 2.19 2.48 -3.02
CA LEU B 326 3.15 1.44 -3.37
C LEU B 326 2.49 0.09 -3.30
N LYS B 327 3.10 -0.89 -3.97
CA LYS B 327 2.64 -2.27 -3.91
C LYS B 327 3.76 -3.06 -3.23
N LYS B 328 3.50 -4.32 -2.87
CA LYS B 328 4.44 -5.23 -2.20
C LYS B 328 5.81 -5.30 -2.86
N SER B 329 5.86 -5.35 -4.21
CA SER B 329 7.10 -5.46 -5.00
C SER B 329 7.96 -4.19 -5.01
N ASP B 330 7.38 -3.05 -4.60
CA ASP B 330 8.09 -1.76 -4.52
C ASP B 330 8.98 -1.63 -3.27
N ILE B 331 8.84 -2.58 -2.32
CA ILE B 331 9.62 -2.59 -1.10
C ILE B 331 10.98 -3.15 -1.41
N ASP B 332 12.02 -2.34 -1.22
CA ASP B 332 13.39 -2.72 -1.48
C ASP B 332 14.08 -3.33 -0.27
N GLU B 333 13.66 -2.92 0.94
CA GLU B 333 14.26 -3.36 2.20
C GLU B 333 13.19 -3.54 3.27
N ILE B 334 13.23 -4.70 3.96
CA ILE B 334 12.33 -5.00 5.08
C ILE B 334 13.19 -5.03 6.34
N VAL B 335 12.90 -4.11 7.29
CA VAL B 335 13.63 -4.00 8.56
C VAL B 335 12.72 -4.47 9.69
N LEU B 336 13.17 -5.50 10.41
CA LEU B 336 12.43 -6.05 11.56
C LEU B 336 13.01 -5.46 12.82
N VAL B 337 12.17 -4.85 13.64
CA VAL B 337 12.60 -4.20 14.89
C VAL B 337 11.80 -4.76 16.04
N GLY B 338 12.45 -4.93 17.18
CA GLY B 338 11.81 -5.47 18.40
C GLY B 338 12.10 -6.94 18.58
N GLY B 339 12.31 -7.34 19.84
CA GLY B 339 12.60 -8.73 20.20
C GLY B 339 11.56 -9.71 19.71
N SER B 340 10.29 -9.28 19.64
CA SER B 340 9.16 -10.08 19.17
C SER B 340 9.31 -10.51 17.71
N THR B 341 10.11 -9.79 16.90
CA THR B 341 10.31 -10.19 15.50
C THR B 341 11.15 -11.49 15.37
N ARG B 342 11.78 -11.95 16.48
CA ARG B 342 12.52 -13.23 16.52
C ARG B 342 11.56 -14.42 16.49
N ILE B 343 10.24 -14.18 16.76
CA ILE B 343 9.22 -15.23 16.74
C ILE B 343 9.16 -15.81 15.31
N PRO B 344 9.47 -17.13 15.15
CA PRO B 344 9.47 -17.74 13.81
C PRO B 344 8.19 -17.52 13.01
N LYS B 345 6.99 -17.59 13.63
CA LYS B 345 5.72 -17.35 12.93
C LYS B 345 5.60 -15.91 12.41
N ILE B 346 6.12 -14.93 13.16
CA ILE B 346 6.10 -13.52 12.76
C ILE B 346 7.00 -13.35 11.52
N GLN B 347 8.20 -13.92 11.53
CA GLN B 347 9.15 -13.87 10.41
C GLN B 347 8.60 -14.54 9.16
N GLN B 348 7.87 -15.66 9.34
CA GLN B 348 7.20 -16.44 8.29
C GLN B 348 6.09 -15.58 7.66
N LEU B 349 5.26 -14.95 8.50
CA LEU B 349 4.16 -14.09 8.06
C LEU B 349 4.62 -12.87 7.25
N VAL B 350 5.72 -12.22 7.68
CA VAL B 350 6.27 -11.03 7.00
C VAL B 350 6.83 -11.46 5.62
N LYS B 351 7.71 -12.49 5.60
CA LYS B 351 8.31 -13.07 4.40
C LYS B 351 7.25 -13.46 3.36
N GLU B 352 6.18 -14.18 3.79
CA GLU B 352 5.08 -14.61 2.91
C GLU B 352 4.28 -13.44 2.38
N PHE B 353 4.05 -12.40 3.21
CA PHE B 353 3.34 -11.20 2.79
C PHE B 353 4.11 -10.53 1.64
N PHE B 354 5.46 -10.49 1.73
CA PHE B 354 6.35 -9.90 0.72
C PHE B 354 6.86 -10.94 -0.27
N ASN B 355 5.98 -11.91 -0.60
CA ASN B 355 6.14 -13.02 -1.55
C ASN B 355 7.56 -13.65 -1.56
N GLY B 356 8.04 -14.01 -0.37
CA GLY B 356 9.33 -14.68 -0.20
C GLY B 356 10.54 -13.82 0.05
N LYS B 357 10.39 -12.47 0.00
CA LYS B 357 11.51 -11.55 0.22
C LYS B 357 12.10 -11.67 1.64
N GLU B 358 13.43 -11.84 1.70
CA GLU B 358 14.15 -11.92 2.96
C GLU B 358 14.37 -10.52 3.58
N PRO B 359 14.10 -10.35 4.89
CA PRO B 359 14.37 -9.04 5.50
C PRO B 359 15.86 -8.85 5.80
N SER B 360 16.28 -7.60 6.11
CA SER B 360 17.66 -7.28 6.53
C SER B 360 17.98 -8.10 7.79
N ARG B 361 19.26 -8.45 7.99
CA ARG B 361 19.64 -9.27 9.16
C ARG B 361 21.04 -8.97 9.62
N GLY B 362 21.35 -9.36 10.86
CA GLY B 362 22.67 -9.14 11.43
C GLY B 362 22.69 -8.46 12.80
N ILE B 363 21.83 -7.45 12.98
CA ILE B 363 21.73 -6.72 14.25
C ILE B 363 20.56 -7.28 15.04
N ASN B 364 20.74 -7.42 16.35
CA ASN B 364 19.70 -7.87 17.25
C ASN B 364 18.52 -6.86 17.10
N PRO B 365 17.31 -7.34 16.70
CA PRO B 365 16.17 -6.41 16.48
C PRO B 365 15.77 -5.57 17.67
N ASP B 366 16.06 -6.05 18.89
CA ASP B 366 15.78 -5.33 20.12
C ASP B 366 16.83 -4.24 20.37
N GLU B 367 17.94 -4.24 19.62
CA GLU B 367 19.03 -3.27 19.78
C GLU B 367 19.24 -2.33 18.61
N ALA B 368 18.60 -2.63 17.46
CA ALA B 368 18.73 -1.88 16.21
C ALA B 368 18.47 -0.39 16.33
N VAL B 369 17.46 0.02 17.12
CA VAL B 369 17.14 1.43 17.28
C VAL B 369 18.24 2.16 18.09
N ALA B 370 18.68 1.62 19.24
CA ALA B 370 19.78 2.20 20.03
C ALA B 370 21.08 2.17 19.23
N TYR B 371 21.26 1.14 18.37
CA TYR B 371 22.45 0.98 17.50
C TYR B 371 22.50 2.17 16.55
N GLY B 372 21.40 2.43 15.84
CA GLY B 372 21.26 3.58 14.95
C GLY B 372 21.50 4.91 15.67
N ALA B 373 20.92 5.07 16.88
CA ALA B 373 21.11 6.28 17.71
C ALA B 373 22.61 6.47 18.06
N ALA B 374 23.32 5.37 18.40
CA ALA B 374 24.75 5.34 18.74
C ALA B 374 25.59 5.70 17.53
N VAL B 375 25.19 5.26 16.32
CA VAL B 375 25.87 5.63 15.05
C VAL B 375 25.88 7.17 14.96
N GLN B 376 24.70 7.81 15.14
CA GLN B 376 24.57 9.26 15.10
C GLN B 376 25.33 9.94 16.24
N ALA B 377 25.30 9.32 17.45
CA ALA B 377 26.00 9.77 18.65
C ALA B 377 27.53 9.79 18.42
N GLY B 378 28.01 8.81 17.65
CA GLY B 378 29.41 8.65 17.26
C GLY B 378 29.90 9.84 16.46
N VAL B 379 29.11 10.26 15.45
CA VAL B 379 29.40 11.44 14.60
C VAL B 379 29.48 12.70 15.48
N LEU B 380 28.49 12.88 16.39
CA LEU B 380 28.43 14.04 17.28
C LEU B 380 29.52 14.08 18.33
N SER B 381 30.07 12.91 18.72
CA SER B 381 31.17 12.85 19.69
C SER B 381 32.48 13.28 19.02
N GLY B 382 32.58 13.06 17.70
CA GLY B 382 33.73 13.42 16.86
C GLY B 382 35.02 12.76 17.34
O15 3BH C . -12.65 10.59 -21.21
C8 3BH C . -12.06 9.70 -22.13
C14 3BH C . -11.85 8.33 -21.51
O19 3BH C . -11.51 8.41 -20.12
C13 3BH C . -10.66 7.79 -22.31
C18 3BH C . -11.14 6.72 -23.31
O20 3BH C . -12.01 7.29 -24.32
O7 3BH C . -10.10 8.88 -23.05
C3 3BH C . -10.63 10.09 -22.48
N1 3BH C . -10.59 11.20 -23.49
C2 3BH C . -10.13 12.41 -23.18
N6 3BH C . -9.66 12.91 -22.00
C12 3BH C . -9.23 14.23 -21.93
N16 3BH C . -9.33 15.01 -23.10
C11 3BH C . -9.79 14.48 -24.24
N17 3BH C . -9.94 15.22 -25.34
C5 3BH C . -10.19 13.19 -24.29
N9 3BH C . -10.68 12.45 -25.29
C4 3BH C . -10.94 11.25 -24.79
N10 3BH C . -11.41 10.22 -25.53
O15 3BH D . 9.72 -10.63 25.46
C8 3BH D . 10.37 -9.50 24.87
C14 3BH D . 9.50 -8.23 24.90
O19 3BH D . 8.08 -8.57 24.87
C13 3BH D . 9.89 -7.51 23.60
C18 3BH D . 10.54 -6.17 23.92
O20 3BH D . 11.31 -5.70 22.79
O7 3BH D . 10.91 -8.35 23.00
C3 3BH D . 10.52 -9.66 23.36
N1 3BH D . 11.61 -10.60 23.01
C2 3BH D . 11.41 -11.80 22.42
N6 3BH D . 10.27 -12.43 22.00
C12 3BH D . 10.33 -13.70 21.42
N16 3BH D . 11.62 -14.27 21.23
C11 3BH D . 12.70 -13.60 21.70
N17 3BH D . 13.92 -14.14 21.64
C5 3BH D . 12.61 -12.38 22.25
N9 3BH D . 13.54 -11.56 22.76
C4 3BH D . 12.92 -10.48 23.22
N10 3BH D . 13.55 -9.42 23.76
#